data_9P94
#
_entry.id   9P94
#
_cell.length_a   1.00
_cell.length_b   1.00
_cell.length_c   1.00
_cell.angle_alpha   90.00
_cell.angle_beta   90.00
_cell.angle_gamma   90.00
#
_symmetry.space_group_name_H-M   'P 1'
#
loop_
_entity.id
_entity.type
_entity.pdbx_description
1 polymer 'Guanine nucleotide-binding protein G(I)/G(S)/G(T) subunit beta-1'
2 polymer 'Guanine nucleotide-binding protein G(I)/G(S)/G(O) subunit gamma-2'
3 polymer Nanobody35
4 polymer 'Pituitary adenylate cyclase-activating polypeptide'
5 polymer 'Isoform S of Pituitary adenylate cyclase-activating polypeptide type I receptor'
6 polymer 'Guanine nucleotide-binding protein G(s) subunit alpha isoforms short'
#
loop_
_entity_poly.entity_id
_entity_poly.type
_entity_poly.pdbx_seq_one_letter_code
_entity_poly.pdbx_strand_id
1 'polypeptide(L)'
;MHHHHHHGSSGSELDQLRQEAEQLKNQIRDARKACADATLSQITNNIDPVGRIQMRTRRTLRGHLAKIYAMHWGTDSRLL
VSASQDGKLIIWDSYTTNKVHAIPLRSSWVMTCAYAPSGNYVACGGLDNICSIYNLKTREGNVRVSRELAGHTGYLSCCR
FLDDNQIVTSSGDTTCALWDIETGQQTTTFTGHTGDVMSLSLAPDTRLFVSGACDASAKLWDVREGMCRQTFTGHESDIN
AICFFPNGNAFATGSDDATCRLFDLRADQELMTYSHDNIICGITSVSFSKSGRLLLAGYDDFNCNVWDALKADRAGVLAG
HDNRVSCLGVTDDGMAVATGSWDSFLKIWN
;
B
2 'polypeptide(L)' MASNNTASIAQARKLVEQLKMEANIDRIKVSKAAADLMAYCEAHAKEDPLLTPVPASENPFREKKFFCAIL G
3 'polypeptide(L)'
;QVQLQESGGGLVQPGGSLRLSCAASGFTFSNYKMNWVRQAPGKGLEWVSDISQSGASISYTGSVKGRFTISRDNAKNTLY
LQMNSLKPEDTAVYYCARCPAPFTRDCFDVTSTTYAYRGQGTQVTVSSHHHHHHEPEA
;
N
4 'polypeptide(L)' HSDGIFTDSYSRYRKQMAVKKYLAAVL P
5 'polypeptide(L)'
;DYKDDDDLEVLFQGPAMHSDCIFKKEQAMCLEKIQRANELMGFNDSSPGCPGMWDNITCWKPAHVGEMVLVSCPELFRIF
NPDQDMGVVSRNCTEDGWSEPFPHYFDACGFDEYESETGDQDYYYLSVKALYTVGYSTSLVTLTTAMVILCRFRKLHCTR
NFIHMNLFVSFMLRAISVFIKDWILYAEQDSNHCFISTVECKAVMVFFHYCVVSNYFWLFIEGLYLFTLLVETFFPERRY
FYWYTIIGWGTPTVCVTVWATLRLYFDDTGCWDMNDSTALWWVIKGPVVGSIMVNFVLFIGIIVILVQKLQSPDMGGNES
SIYLRLARSTLLLIPLFGIHYTVFAFSPENVSKRERLVFELGLGSFQGFVVAVLYCFLNGEVQAEIKRKWRSWKVNRYFA
VDFKHRHPSLASSGVNGGTQLSILSKSSSQIRMSGLPADNLATPAGLEVLFQGPHHHHHHHH
;
R
6 'polypeptide(L)'
;MGCLGNSKTEDQRNEEKAQREANKKIEKQLQKDKQVYRATHRLLLLGAGESGKNTIVKQMRILHVNGFNGEGGEEDPQAA
RSNSDGEKATKVQDIKNNLKEAIETIVAAMSNLVPPVELANPENQFRVDYILSVMNVPDFDFPPEFYEHAKALWEDEGVR
ACYERSNEYQLIDCAQYFLDKIDVIKQADYVPSDQDLLRCRVLTSGIFETKFQVDKVNFHMFDVGAQRDERRKWIQCFND
VTAIIFVVASSSYNMVIREDNQTNRLQAALKLFDSIWNNKWLRDTSVILFLNKQDLLAEKVLAGKSKIEDYFPEFARYTT
PEDATPEPGEDPRVTRAKYFIRDEFLRISTASGDGRHYCYPHFTCSVDTENIRRVFNDCRDIIQRMHLRQYELL
;
A
#
# COMPACT_ATOMS: atom_id res chain seq x y z
N GLU A 13 15.84 29.43 44.81
CA GLU A 13 14.88 30.06 43.89
C GLU A 13 15.09 29.56 42.47
N LEU A 14 13.98 29.33 41.76
CA LEU A 14 14.07 28.78 40.41
C LEU A 14 14.73 29.77 39.45
N ASP A 15 14.45 31.06 39.62
CA ASP A 15 14.96 32.07 38.70
C ASP A 15 16.49 32.13 38.72
N GLN A 16 17.08 32.08 39.91
CA GLN A 16 18.53 32.17 40.01
C GLN A 16 19.21 30.97 39.36
N LEU A 17 18.65 29.77 39.55
CA LEU A 17 19.23 28.58 38.92
C LEU A 17 19.03 28.62 37.41
N ARG A 18 17.89 29.13 36.95
CA ARG A 18 17.68 29.27 35.52
C ARG A 18 18.71 30.22 34.90
N GLN A 19 18.95 31.36 35.56
CA GLN A 19 19.94 32.30 35.06
C GLN A 19 21.35 31.71 35.09
N GLU A 20 21.67 30.97 36.15
CA GLU A 20 22.99 30.34 36.23
C GLU A 20 23.17 29.31 35.13
N ALA A 21 22.14 28.51 34.86
CA ALA A 21 22.22 27.55 33.76
C ALA A 21 22.37 28.25 32.43
N GLU A 22 21.66 29.37 32.23
CA GLU A 22 21.78 30.11 30.98
C GLU A 22 23.20 30.63 30.79
N GLN A 23 23.78 31.20 31.84
CA GLN A 23 25.14 31.73 31.71
C GLN A 23 26.16 30.60 31.54
N LEU A 24 25.93 29.45 32.17
CA LEU A 24 26.82 28.31 31.97
C LEU A 24 26.75 27.80 30.54
N LYS A 25 25.55 27.74 29.96
CA LYS A 25 25.42 27.35 28.57
C LYS A 25 26.10 28.37 27.65
N ASN A 26 25.98 29.65 27.99
CA ASN A 26 26.67 30.67 27.21
C ASN A 26 28.18 30.49 27.28
N GLN A 27 28.70 30.16 28.46
CA GLN A 27 30.14 29.92 28.60
C GLN A 27 30.58 28.70 27.80
N ILE A 28 29.78 27.64 27.83
CA ILE A 28 30.12 26.45 27.04
C ILE A 28 30.13 26.77 25.55
N ARG A 29 29.14 27.55 25.09
CA ARG A 29 29.10 27.94 23.69
C ARG A 29 30.31 28.78 23.32
N ASP A 30 30.71 29.70 24.20
CA ASP A 30 31.89 30.51 23.95
C ASP A 30 33.14 29.65 23.87
N ALA A 31 33.26 28.65 24.76
CA ALA A 31 34.42 27.77 24.72
C ALA A 31 34.45 26.97 23.43
N ARG A 32 33.29 26.43 23.01
CA ARG A 32 33.25 25.67 21.76
C ARG A 32 33.61 26.56 20.57
N LYS A 33 33.12 27.80 20.55
CA LYS A 33 33.48 28.72 19.48
C LYS A 33 34.98 29.01 19.50
N ALA A 34 35.56 29.18 20.68
CA ALA A 34 37.00 29.45 20.78
C ALA A 34 37.82 28.26 20.34
N CYS A 35 37.29 27.04 20.50
CA CYS A 35 38.01 25.83 20.09
C CYS A 35 37.69 25.41 18.67
N ALA A 36 37.36 26.35 17.79
CA ALA A 36 37.08 26.05 16.39
C ALA A 36 37.57 27.19 15.52
N ASP A 37 38.37 26.87 14.51
CA ASP A 37 38.87 27.88 13.58
C ASP A 37 38.60 27.51 12.14
N ALA A 38 38.62 26.21 11.83
CA ALA A 38 38.44 25.75 10.46
C ALA A 38 37.46 24.59 10.44
N THR A 39 36.56 24.60 9.46
CA THR A 39 35.56 23.55 9.33
C THR A 39 36.17 22.29 8.72
N LEU A 40 35.43 21.19 8.81
CA LEU A 40 35.90 19.95 8.20
C LEU A 40 36.01 20.08 6.69
N SER A 41 35.05 20.74 6.06
CA SER A 41 35.12 20.95 4.61
C SER A 41 36.26 21.88 4.22
N GLN A 42 36.78 22.67 5.15
CA GLN A 42 37.86 23.60 4.83
C GLN A 42 39.23 22.93 4.87
N ILE A 43 39.34 21.71 5.41
CA ILE A 43 40.63 21.04 5.53
C ILE A 43 40.70 19.89 4.54
N THR A 44 39.54 19.41 4.09
CA THR A 44 39.46 18.35 3.09
C THR A 44 39.15 18.89 1.70
N ASN A 45 39.34 20.19 1.48
CA ASN A 45 39.03 20.79 0.19
C ASN A 45 39.94 20.31 -0.93
N ASN A 46 41.05 19.65 -0.61
CA ASN A 46 42.02 19.25 -1.61
C ASN A 46 41.99 17.75 -1.95
N ILE A 47 41.38 16.91 -1.11
CA ILE A 47 41.36 15.49 -1.37
C ILE A 47 40.41 15.20 -2.52
N ASP A 48 40.66 14.08 -3.22
CA ASP A 48 39.86 13.74 -4.39
C ASP A 48 38.55 13.07 -3.96
N PRO A 49 37.46 13.34 -4.67
CA PRO A 49 36.19 12.69 -4.35
C PRO A 49 36.22 11.20 -4.67
N VAL A 50 35.37 10.45 -3.98
CA VAL A 50 35.28 9.01 -4.20
C VAL A 50 34.63 8.66 -5.52
N GLY A 51 33.99 9.61 -6.18
CA GLY A 51 33.29 9.35 -7.42
C GLY A 51 31.92 8.74 -7.18
N ARG A 52 31.17 8.61 -8.27
CA ARG A 52 29.84 8.02 -8.18
C ARG A 52 29.93 6.55 -7.81
N ILE A 53 29.07 6.11 -6.91
CA ILE A 53 29.06 4.75 -6.40
C ILE A 53 27.85 4.04 -7.00
N GLN A 54 28.11 3.06 -7.86
CA GLN A 54 27.05 2.33 -8.56
C GLN A 54 26.75 1.02 -7.85
N MET A 55 26.26 1.12 -6.62
CA MET A 55 25.85 -0.06 -5.88
C MET A 55 24.48 -0.55 -6.37
N ARG A 56 24.33 -1.86 -6.45
CA ARG A 56 23.10 -2.46 -6.94
C ARG A 56 22.71 -3.64 -6.05
N THR A 57 21.42 -3.94 -6.03
CA THR A 57 20.91 -5.00 -5.18
C THR A 57 21.45 -6.35 -5.62
N ARG A 58 21.92 -7.14 -4.66
CA ARG A 58 22.42 -8.48 -4.92
C ARG A 58 21.50 -9.58 -4.40
N ARG A 59 20.86 -9.36 -3.25
CA ARG A 59 19.92 -10.31 -2.70
C ARG A 59 18.66 -9.58 -2.26
N THR A 60 17.53 -10.26 -2.36
CA THR A 60 16.25 -9.73 -1.89
C THR A 60 15.59 -10.78 -1.01
N LEU A 61 15.07 -10.33 0.13
CA LEU A 61 14.56 -11.22 1.18
C LEU A 61 13.08 -10.94 1.36
N ARG A 62 12.24 -11.95 1.15
CA ARG A 62 10.80 -11.78 1.04
C ARG A 62 10.06 -12.72 1.99
N GLY A 63 10.48 -12.76 3.25
CA GLY A 63 9.84 -13.66 4.20
C GLY A 63 8.85 -13.01 5.15
N HIS A 64 8.85 -11.68 5.23
CA HIS A 64 8.06 -10.99 6.23
C HIS A 64 6.69 -10.58 5.67
N LEU A 65 5.75 -10.36 6.57
CA LEU A 65 4.40 -9.94 6.23
C LEU A 65 4.20 -8.44 6.38
N ALA A 66 4.43 -7.92 7.58
CA ALA A 66 4.20 -6.51 7.87
C ALA A 66 5.51 -5.73 7.69
N LYS A 67 5.49 -4.46 8.07
CA LYS A 67 6.66 -3.60 7.87
C LYS A 67 7.80 -4.01 8.79
N ILE A 68 9.00 -3.58 8.43
CA ILE A 68 10.23 -3.90 9.15
C ILE A 68 10.69 -2.65 9.90
N TYR A 69 10.95 -2.79 11.19
CA TYR A 69 11.54 -1.73 11.99
C TYR A 69 13.01 -1.89 12.29
N ALA A 70 13.53 -3.10 12.39
CA ALA A 70 14.90 -3.26 12.83
C ALA A 70 15.55 -4.47 12.17
N MET A 71 16.88 -4.45 12.16
CA MET A 71 17.70 -5.55 11.68
C MET A 71 19.10 -5.35 12.23
N HIS A 72 19.80 -6.45 12.48
CA HIS A 72 21.15 -6.38 13.02
C HIS A 72 22.01 -7.46 12.40
N TRP A 73 23.16 -7.05 11.86
CA TRP A 73 24.10 -8.00 11.28
C TRP A 73 24.81 -8.78 12.37
N GLY A 74 25.14 -10.03 12.05
CA GLY A 74 25.97 -10.82 12.93
C GLY A 74 27.43 -10.46 12.81
N THR A 75 28.21 -10.82 13.83
CA THR A 75 29.63 -10.53 13.81
C THR A 75 30.39 -11.34 12.75
N ASP A 76 29.78 -12.40 12.25
CA ASP A 76 30.37 -13.14 11.13
C ASP A 76 30.05 -12.50 9.79
N SER A 77 29.24 -11.44 9.78
CA SER A 77 28.83 -10.73 8.57
C SER A 77 28.09 -11.61 7.58
N ARG A 78 27.55 -12.74 8.05
CA ARG A 78 26.77 -13.63 7.21
C ARG A 78 25.34 -13.79 7.70
N LEU A 79 25.14 -14.06 8.99
CA LEU A 79 23.80 -14.21 9.52
C LEU A 79 23.13 -12.85 9.69
N LEU A 80 21.82 -12.87 9.88
CA LEU A 80 21.02 -11.67 9.95
C LEU A 80 19.81 -11.93 10.82
N VAL A 81 19.14 -10.84 11.23
CA VAL A 81 17.94 -10.94 12.04
C VAL A 81 17.03 -9.78 11.68
N SER A 82 15.73 -9.99 11.78
CA SER A 82 14.76 -8.96 11.43
C SER A 82 13.49 -9.14 12.25
N ALA A 83 12.88 -8.02 12.58
CA ALA A 83 11.63 -8.00 13.36
C ALA A 83 10.58 -7.22 12.58
N SER A 84 9.36 -7.73 12.58
CA SER A 84 8.26 -7.11 11.88
C SER A 84 7.03 -7.03 12.78
N GLN A 85 6.06 -6.23 12.36
CA GLN A 85 4.88 -5.97 13.16
C GLN A 85 3.90 -7.13 13.23
N ASP A 86 4.13 -8.20 12.47
CA ASP A 86 3.29 -9.39 12.57
C ASP A 86 3.75 -10.32 13.69
N GLY A 87 4.57 -9.83 14.61
CA GLY A 87 5.06 -10.64 15.71
C GLY A 87 5.96 -11.78 15.28
N LYS A 88 6.83 -11.54 14.31
CA LYS A 88 7.71 -12.58 13.78
C LYS A 88 9.15 -12.10 13.82
N LEU A 89 10.03 -12.93 14.35
CA LEU A 89 11.47 -12.69 14.35
C LEU A 89 12.11 -13.77 13.49
N ILE A 90 12.84 -13.35 12.45
CA ILE A 90 13.36 -14.25 11.43
C ILE A 90 14.86 -14.05 11.32
N ILE A 91 15.60 -15.15 11.31
CA ILE A 91 17.05 -15.14 11.17
C ILE A 91 17.40 -15.65 9.78
N TRP A 92 18.13 -14.83 9.02
CA TRP A 92 18.45 -15.13 7.64
C TRP A 92 19.91 -15.53 7.50
N ASP A 93 20.22 -16.17 6.37
CA ASP A 93 21.58 -16.40 5.92
C ASP A 93 21.75 -15.59 4.65
N SER A 94 22.46 -14.45 4.76
CA SER A 94 22.54 -13.51 3.65
C SER A 94 23.16 -14.12 2.40
N TYR A 95 24.04 -15.10 2.57
CA TYR A 95 24.71 -15.70 1.42
C TYR A 95 23.72 -16.46 0.55
N THR A 96 22.90 -17.32 1.16
CA THR A 96 21.99 -18.19 0.41
C THR A 96 20.53 -17.80 0.56
N THR A 97 20.22 -16.75 1.31
CA THR A 97 18.84 -16.28 1.50
C THR A 97 17.92 -17.39 2.00
N ASN A 98 18.43 -18.19 2.93
CA ASN A 98 17.65 -19.26 3.54
C ASN A 98 17.35 -18.91 4.99
N LYS A 99 16.07 -18.95 5.36
CA LYS A 99 15.69 -18.69 6.73
C LYS A 99 16.20 -19.80 7.64
N VAL A 100 16.82 -19.40 8.76
CA VAL A 100 17.37 -20.35 9.71
C VAL A 100 16.45 -20.54 10.90
N HIS A 101 15.95 -19.45 11.47
CA HIS A 101 15.02 -19.51 12.60
C HIS A 101 13.85 -18.58 12.33
N ALA A 102 12.68 -18.96 12.83
CA ALA A 102 11.49 -18.13 12.82
C ALA A 102 10.90 -18.15 14.23
N ILE A 103 11.04 -17.04 14.94
CA ILE A 103 10.69 -16.97 16.35
C ILE A 103 9.37 -16.20 16.46
N PRO A 104 8.26 -16.84 16.82
CA PRO A 104 7.05 -16.10 17.11
C PRO A 104 7.21 -15.25 18.36
N LEU A 105 6.52 -14.12 18.39
CA LEU A 105 6.63 -13.15 19.48
C LEU A 105 5.32 -13.05 20.22
N ARG A 106 5.41 -12.92 21.55
CA ARG A 106 4.21 -12.78 22.37
C ARG A 106 3.50 -11.47 22.05
N SER A 107 4.25 -10.39 21.87
CA SER A 107 3.70 -9.09 21.50
C SER A 107 4.08 -8.79 20.06
N SER A 108 3.08 -8.46 19.24
CA SER A 108 3.29 -8.23 17.82
C SER A 108 3.86 -6.85 17.52
N TRP A 109 3.96 -5.97 18.51
CA TRP A 109 4.45 -4.61 18.29
C TRP A 109 5.89 -4.55 18.79
N VAL A 110 6.83 -4.73 17.87
CA VAL A 110 8.25 -4.72 18.17
C VAL A 110 8.91 -3.62 17.36
N MET A 111 9.73 -2.80 18.02
CA MET A 111 10.37 -1.67 17.39
C MET A 111 11.89 -1.78 17.31
N THR A 112 12.47 -2.86 17.81
CA THR A 112 13.92 -3.01 17.77
C THR A 112 14.29 -4.49 17.86
N CYS A 113 15.50 -4.79 17.40
CA CYS A 113 16.09 -6.11 17.57
C CYS A 113 17.60 -5.95 17.60
N ALA A 114 18.27 -6.93 18.19
CA ALA A 114 19.72 -6.90 18.29
C ALA A 114 20.25 -8.33 18.25
N TYR A 115 21.39 -8.50 17.60
CA TYR A 115 22.01 -9.82 17.46
C TYR A 115 23.30 -9.82 18.26
N ALA A 116 23.45 -10.80 19.16
CA ALA A 116 24.56 -10.79 20.10
C ALA A 116 25.89 -10.91 19.36
N PRO A 117 26.95 -10.27 19.87
CA PRO A 117 28.25 -10.37 19.20
C PRO A 117 28.77 -11.79 19.12
N SER A 118 28.51 -12.62 20.13
CA SER A 118 28.92 -14.01 20.09
C SER A 118 28.02 -14.87 19.20
N GLY A 119 26.88 -14.34 18.77
CA GLY A 119 25.96 -15.08 17.94
C GLY A 119 25.05 -16.04 18.66
N ASN A 120 25.16 -16.12 19.99
CA ASN A 120 24.37 -17.06 20.77
C ASN A 120 23.05 -16.48 21.27
N TYR A 121 22.78 -15.20 21.03
CA TYR A 121 21.59 -14.58 21.58
C TYR A 121 21.04 -13.56 20.60
N VAL A 122 19.75 -13.27 20.76
CA VAL A 122 19.05 -12.25 19.99
C VAL A 122 17.99 -11.62 20.88
N ALA A 123 17.80 -10.32 20.75
CA ALA A 123 16.90 -9.57 21.61
C ALA A 123 15.89 -8.80 20.76
N CYS A 124 14.76 -8.48 21.39
CA CYS A 124 13.71 -7.70 20.73
C CYS A 124 12.88 -7.00 21.79
N GLY A 125 12.17 -5.96 21.35
CA GLY A 125 11.32 -5.20 22.26
C GLY A 125 10.48 -4.23 21.48
N GLY A 126 9.53 -3.62 22.18
CA GLY A 126 8.61 -2.71 21.54
C GLY A 126 7.62 -2.05 22.48
N LEU A 127 6.35 -2.00 22.07
CA LEU A 127 5.33 -1.31 22.84
C LEU A 127 4.96 -2.03 24.13
N ASP A 128 5.44 -3.25 24.34
CA ASP A 128 5.14 -3.97 25.56
C ASP A 128 6.07 -3.61 26.71
N ASN A 129 7.04 -2.70 26.48
CA ASN A 129 7.97 -2.22 27.50
C ASN A 129 8.86 -3.33 28.06
N ILE A 130 8.99 -4.45 27.34
CA ILE A 130 9.71 -5.60 27.82
C ILE A 130 10.74 -6.01 26.77
N CYS A 131 11.97 -6.21 27.20
CA CYS A 131 13.04 -6.73 26.35
C CYS A 131 13.11 -8.24 26.55
N SER A 132 12.98 -8.99 25.45
CA SER A 132 13.00 -10.45 25.49
C SER A 132 14.30 -10.96 24.89
N ILE A 133 14.96 -11.87 25.60
CA ILE A 133 16.23 -12.43 25.19
C ILE A 133 16.01 -13.87 24.78
N TYR A 134 16.44 -14.22 23.57
CA TYR A 134 16.28 -15.57 23.02
C TYR A 134 17.64 -16.22 22.87
N ASN A 135 17.73 -17.49 23.27
CA ASN A 135 18.95 -18.27 23.13
C ASN A 135 18.82 -19.16 21.90
N LEU A 136 19.77 -19.03 20.96
CA LEU A 136 19.74 -19.80 19.74
C LEU A 136 20.46 -21.13 19.86
N LYS A 137 21.18 -21.36 20.95
CA LYS A 137 21.97 -22.59 21.14
C LYS A 137 21.32 -23.51 22.16
N THR A 138 19.99 -23.59 22.13
CA THR A 138 19.26 -24.40 23.10
C THR A 138 19.56 -25.88 22.89
N ARG A 139 19.43 -26.65 23.97
CA ARG A 139 19.65 -28.09 23.91
C ARG A 139 18.49 -28.82 23.26
N GLU A 140 17.26 -28.37 23.50
CA GLU A 140 16.09 -29.02 22.93
C GLU A 140 15.98 -28.79 21.42
N GLY A 141 16.71 -27.83 20.87
CA GLY A 141 16.65 -27.54 19.45
C GLY A 141 15.57 -26.56 19.05
N ASN A 142 14.72 -26.13 19.98
CA ASN A 142 13.65 -25.19 19.70
C ASN A 142 13.92 -23.89 20.42
N VAL A 143 13.93 -22.79 19.67
CA VAL A 143 14.26 -21.48 20.25
C VAL A 143 13.13 -21.03 21.16
N ARG A 144 13.49 -20.65 22.38
CA ARG A 144 12.52 -20.19 23.37
C ARG A 144 13.09 -18.99 24.10
N VAL A 145 12.20 -18.18 24.66
CA VAL A 145 12.63 -17.02 25.42
C VAL A 145 13.32 -17.47 26.70
N SER A 146 14.45 -16.85 27.01
CA SER A 146 15.22 -17.21 28.19
C SER A 146 15.07 -16.22 29.33
N ARG A 147 15.02 -14.93 29.03
CA ARG A 147 14.91 -13.91 30.06
C ARG A 147 14.05 -12.76 29.54
N GLU A 148 13.21 -12.22 30.41
CA GLU A 148 12.38 -11.06 30.12
C GLU A 148 12.74 -9.93 31.07
N LEU A 149 13.09 -8.78 30.52
CA LEU A 149 13.49 -7.62 31.30
C LEU A 149 12.33 -6.63 31.29
N ALA A 150 11.71 -6.44 32.46
CA ALA A 150 10.45 -5.72 32.57
C ALA A 150 10.54 -4.60 33.60
N GLY A 151 11.60 -3.81 33.51
CA GLY A 151 11.77 -2.70 34.43
C GLY A 151 11.49 -1.34 33.83
N HIS A 152 11.28 -1.28 32.51
CA HIS A 152 11.08 -0.02 31.84
C HIS A 152 9.63 0.43 31.95
N THR A 153 9.43 1.74 31.79
CA THR A 153 8.09 2.34 31.86
C THR A 153 7.47 2.49 30.47
N GLY A 154 8.13 3.22 29.58
CA GLY A 154 7.62 3.45 28.25
C GLY A 154 8.03 2.34 27.27
N TYR A 155 7.68 2.57 26.01
CA TYR A 155 8.01 1.61 24.96
C TYR A 155 9.51 1.52 24.78
N LEU A 156 10.01 0.30 24.55
CA LEU A 156 11.43 0.10 24.32
C LEU A 156 11.76 0.41 22.87
N SER A 157 12.77 1.25 22.65
CA SER A 157 13.08 1.78 21.33
C SER A 157 14.29 1.13 20.69
N CYS A 158 15.33 0.82 21.46
CA CYS A 158 16.53 0.21 20.91
C CYS A 158 17.25 -0.56 22.00
N CYS A 159 17.97 -1.61 21.59
CA CYS A 159 18.73 -2.43 22.51
C CYS A 159 19.99 -2.91 21.82
N ARG A 160 21.08 -3.00 22.57
CA ARG A 160 22.36 -3.44 22.04
C ARG A 160 23.07 -4.30 23.07
N PHE A 161 23.68 -5.38 22.62
CA PHE A 161 24.40 -6.29 23.49
C PHE A 161 25.82 -5.81 23.72
N LEU A 162 26.25 -5.81 24.98
CA LEU A 162 27.67 -5.66 25.29
C LEU A 162 28.38 -7.00 25.26
N ASP A 163 27.81 -7.99 25.94
CA ASP A 163 28.27 -9.36 25.88
C ASP A 163 27.05 -10.26 26.09
N ASP A 164 27.28 -11.53 26.40
CA ASP A 164 26.17 -12.45 26.60
C ASP A 164 25.44 -12.23 27.92
N ASN A 165 25.95 -11.37 28.79
CA ASN A 165 25.36 -11.15 30.10
C ASN A 165 24.87 -9.72 30.34
N GLN A 166 25.31 -8.75 29.54
CA GLN A 166 24.94 -7.36 29.72
C GLN A 166 24.32 -6.83 28.43
N ILE A 167 23.19 -6.15 28.56
CA ILE A 167 22.51 -5.52 27.43
C ILE A 167 22.08 -4.12 27.86
N VAL A 168 22.30 -3.15 26.98
CA VAL A 168 21.89 -1.77 27.23
C VAL A 168 20.67 -1.46 26.38
N THR A 169 19.67 -0.83 27.00
CA THR A 169 18.40 -0.57 26.36
C THR A 169 18.01 0.89 26.52
N SER A 170 17.35 1.44 25.51
CA SER A 170 16.82 2.79 25.54
C SER A 170 15.32 2.73 25.27
N SER A 171 14.54 3.37 26.12
CA SER A 171 13.09 3.27 26.06
C SER A 171 12.48 4.66 25.87
N GLY A 172 11.15 4.69 25.83
CA GLY A 172 10.38 5.90 25.69
C GLY A 172 10.09 6.63 26.98
N ASP A 173 10.61 6.16 28.11
CA ASP A 173 10.50 6.86 29.37
C ASP A 173 11.68 7.79 29.61
N THR A 174 12.35 8.24 28.55
CA THR A 174 13.45 9.21 28.62
C THR A 174 14.63 8.69 29.43
N THR A 175 14.79 7.37 29.53
CA THR A 175 15.90 6.80 30.27
C THR A 175 16.52 5.66 29.48
N CYS A 176 17.82 5.46 29.69
CA CYS A 176 18.56 4.31 29.19
C CYS A 176 18.99 3.46 30.37
N ALA A 177 19.00 2.14 30.19
CA ALA A 177 19.25 1.21 31.27
C ALA A 177 20.30 0.19 30.86
N LEU A 178 21.07 -0.27 31.84
CA LEU A 178 22.00 -1.37 31.68
C LEU A 178 21.49 -2.57 32.47
N TRP A 179 21.37 -3.71 31.81
CA TRP A 179 20.74 -4.88 32.38
C TRP A 179 21.75 -5.97 32.67
N ASP A 180 21.43 -6.80 33.66
CA ASP A 180 22.17 -8.02 33.95
C ASP A 180 21.27 -9.19 33.56
N ILE A 181 21.64 -9.90 32.51
CA ILE A 181 20.77 -10.91 31.94
C ILE A 181 20.50 -12.02 32.94
N GLU A 182 21.54 -12.50 33.64
CA GLU A 182 21.38 -13.64 34.53
C GLU A 182 20.40 -13.34 35.65
N THR A 183 20.62 -12.24 36.38
CA THR A 183 19.73 -11.87 37.46
C THR A 183 18.43 -11.25 36.95
N GLY A 184 18.50 -10.52 35.84
CA GLY A 184 17.34 -9.81 35.32
C GLY A 184 17.17 -8.42 35.86
N GLN A 185 17.94 -8.02 36.86
CA GLN A 185 17.80 -6.71 37.47
C GLN A 185 18.42 -5.64 36.58
N GLN A 186 17.98 -4.40 36.80
CA GLN A 186 18.52 -3.24 36.10
C GLN A 186 19.72 -2.74 36.88
N THR A 187 20.93 -3.08 36.40
CA THR A 187 22.14 -2.77 37.15
C THR A 187 22.36 -1.26 37.24
N THR A 188 22.27 -0.56 36.12
CA THR A 188 22.53 0.88 36.10
C THR A 188 21.52 1.55 35.19
N THR A 189 21.03 2.71 35.62
CA THR A 189 20.09 3.51 34.85
C THR A 189 20.74 4.83 34.46
N PHE A 190 20.42 5.30 33.25
CA PHE A 190 20.95 6.56 32.74
C PHE A 190 19.80 7.53 32.57
N THR A 191 19.92 8.70 33.19
CA THR A 191 18.87 9.71 33.16
C THR A 191 19.46 11.04 32.74
N GLY A 192 18.59 11.90 32.21
CA GLY A 192 19.02 13.21 31.75
C GLY A 192 18.32 13.68 30.49
N HIS A 193 17.83 12.73 29.70
CA HIS A 193 17.08 13.09 28.51
C HIS A 193 15.68 13.56 28.88
N THR A 194 15.20 14.59 28.18
CA THR A 194 13.87 15.13 28.40
C THR A 194 12.85 14.66 27.38
N GLY A 195 13.23 13.71 26.52
CA GLY A 195 12.34 13.21 25.50
C GLY A 195 12.59 11.73 25.27
N ASP A 196 11.81 11.16 24.35
CA ASP A 196 11.92 9.74 24.05
C ASP A 196 13.29 9.45 23.44
N VAL A 197 14.01 8.51 24.03
CA VAL A 197 15.30 8.10 23.50
C VAL A 197 15.05 7.13 22.35
N MET A 198 15.39 7.54 21.14
CA MET A 198 15.01 6.78 19.96
C MET A 198 16.03 5.70 19.59
N SER A 199 17.32 5.96 19.77
CA SER A 199 18.32 5.00 19.36
C SER A 199 19.60 5.21 20.15
N LEU A 200 20.46 4.20 20.13
CA LEU A 200 21.75 4.25 20.78
C LEU A 200 22.76 3.46 19.95
N SER A 201 24.03 3.80 20.12
CA SER A 201 25.12 3.09 19.45
C SER A 201 26.24 2.87 20.45
N LEU A 202 26.91 1.72 20.32
CA LEU A 202 27.99 1.35 21.22
C LEU A 202 29.34 1.65 20.57
N ALA A 203 30.27 2.15 21.39
CA ALA A 203 31.61 2.41 20.91
C ALA A 203 32.32 1.09 20.59
N PRO A 204 33.33 1.11 19.72
CA PRO A 204 34.04 -0.14 19.40
C PRO A 204 34.63 -0.83 20.61
N ASP A 205 35.11 -0.08 21.60
CA ASP A 205 35.67 -0.66 22.82
C ASP A 205 34.62 -0.99 23.85
N THR A 206 33.34 -0.67 23.60
CA THR A 206 32.23 -0.93 24.51
C THR A 206 32.46 -0.28 25.88
N ARG A 207 33.12 0.87 25.89
CA ARG A 207 33.32 1.65 27.11
C ARG A 207 32.37 2.84 27.20
N LEU A 208 31.95 3.38 26.07
CA LEU A 208 31.01 4.49 26.02
C LEU A 208 29.92 4.18 25.01
N PHE A 209 28.80 4.89 25.12
CA PHE A 209 27.74 4.77 24.13
C PHE A 209 26.94 6.05 24.09
N VAL A 210 26.52 6.44 22.89
CA VAL A 210 25.76 7.66 22.68
C VAL A 210 24.30 7.30 22.49
N SER A 211 23.43 8.25 22.78
CA SER A 211 21.99 8.05 22.66
C SER A 211 21.35 9.31 22.07
N GLY A 212 20.47 9.11 21.09
CA GLY A 212 19.74 10.21 20.50
C GLY A 212 18.29 10.23 20.91
N ALA A 213 17.84 11.31 21.54
CA ALA A 213 16.50 11.39 22.07
C ALA A 213 15.63 12.29 21.21
N CYS A 214 14.40 12.50 21.66
CA CYS A 214 13.43 13.31 20.94
C CYS A 214 13.49 14.79 21.29
N ASP A 215 14.44 15.20 22.14
CA ASP A 215 14.62 16.61 22.47
C ASP A 215 15.76 17.25 21.67
N ALA A 216 16.11 16.64 20.52
CA ALA A 216 17.18 17.16 19.66
C ALA A 216 18.51 17.29 20.39
N SER A 217 18.83 16.28 21.19
CA SER A 217 20.08 16.27 21.93
C SER A 217 20.67 14.87 21.94
N ALA A 218 21.98 14.78 21.81
CA ALA A 218 22.71 13.52 21.90
C ALA A 218 23.66 13.58 23.08
N LYS A 219 23.66 12.53 23.90
CA LYS A 219 24.46 12.48 25.11
C LYS A 219 25.44 11.32 25.05
N LEU A 220 26.67 11.58 25.49
CA LEU A 220 27.69 10.53 25.59
C LEU A 220 27.69 9.97 27.00
N TRP A 221 27.43 8.68 27.11
CA TRP A 221 27.30 8.03 28.41
C TRP A 221 28.54 7.19 28.71
N ASP A 222 28.81 7.01 30.00
CA ASP A 222 29.88 6.13 30.46
C ASP A 222 29.23 4.94 31.15
N VAL A 223 29.52 3.74 30.65
CA VAL A 223 28.84 2.54 31.13
C VAL A 223 29.24 2.23 32.56
N ARG A 224 30.53 2.38 32.88
CA ARG A 224 31.01 1.95 34.19
C ARG A 224 30.46 2.82 35.31
N GLU A 225 30.55 4.14 35.16
CA GLU A 225 30.12 5.05 36.22
C GLU A 225 28.65 5.43 36.12
N GLY A 226 28.05 5.33 34.94
CA GLY A 226 26.66 5.65 34.76
C GLY A 226 26.32 7.11 34.59
N MET A 227 27.33 7.99 34.56
CA MET A 227 27.09 9.41 34.42
C MET A 227 27.07 9.81 32.95
N CYS A 228 26.74 11.08 32.71
CA CYS A 228 26.75 11.65 31.37
C CYS A 228 27.98 12.53 31.22
N ARG A 229 28.75 12.30 30.15
CA ARG A 229 30.00 13.01 29.95
C ARG A 229 29.81 14.29 29.14
N GLN A 230 29.19 14.19 27.96
CA GLN A 230 29.01 15.33 27.08
C GLN A 230 27.61 15.33 26.51
N THR A 231 27.16 16.50 26.09
CA THR A 231 25.87 16.66 25.42
C THR A 231 26.08 17.46 24.15
N PHE A 232 25.53 16.96 23.04
CA PHE A 232 25.67 17.59 21.74
C PHE A 232 24.30 18.06 21.27
N THR A 233 24.20 19.36 20.95
CA THR A 233 22.94 19.98 20.55
C THR A 233 23.17 20.81 19.29
N GLY A 234 22.90 20.23 18.14
CA GLY A 234 23.00 20.96 16.89
C GLY A 234 21.80 20.75 15.99
N HIS A 235 20.95 19.79 16.33
CA HIS A 235 19.80 19.46 15.52
C HIS A 235 18.61 20.35 15.87
N GLU A 236 17.66 20.40 14.93
CA GLU A 236 16.46 21.22 15.10
C GLU A 236 15.24 20.41 15.51
N SER A 237 15.16 19.14 15.13
CA SER A 237 14.03 18.29 15.47
C SER A 237 14.55 17.04 16.15
N ASP A 238 13.63 16.12 16.46
CA ASP A 238 13.97 14.91 17.19
C ASP A 238 14.90 14.02 16.37
N ILE A 239 15.80 13.33 17.08
CA ILE A 239 16.82 12.50 16.46
C ILE A 239 16.32 11.06 16.39
N ASN A 240 16.44 10.44 15.21
CA ASN A 240 15.96 9.09 14.98
C ASN A 240 17.06 8.04 15.02
N ALA A 241 18.22 8.32 14.42
CA ALA A 241 19.27 7.32 14.29
C ALA A 241 20.61 7.92 14.71
N ILE A 242 21.52 7.04 15.13
CA ILE A 242 22.83 7.45 15.60
C ILE A 242 23.77 6.27 15.42
N CYS A 243 25.05 6.56 15.20
CA CYS A 243 26.03 5.52 14.93
C CYS A 243 27.43 6.09 15.09
N PHE A 244 28.30 5.37 15.79
CA PHE A 244 29.69 5.78 15.94
C PHE A 244 30.46 5.69 14.62
N PHE A 245 31.38 6.63 14.45
CA PHE A 245 32.41 6.52 13.45
C PHE A 245 33.33 5.34 13.79
N PRO A 246 33.86 4.64 12.79
CA PRO A 246 34.70 3.48 13.09
C PRO A 246 35.92 3.81 13.94
N ASN A 247 36.43 5.04 13.86
CA ASN A 247 37.55 5.43 14.69
C ASN A 247 37.19 5.42 16.16
N GLY A 248 35.92 5.63 16.49
CA GLY A 248 35.46 5.68 17.86
C GLY A 248 35.47 7.06 18.48
N ASN A 249 35.99 8.06 17.78
CA ASN A 249 36.04 9.43 18.28
C ASN A 249 35.08 10.35 17.55
N ALA A 250 34.06 9.80 16.91
CA ALA A 250 33.06 10.60 16.23
C ALA A 250 31.80 9.76 16.05
N PHE A 251 30.70 10.45 15.76
CA PHE A 251 29.45 9.75 15.47
C PHE A 251 28.57 10.65 14.61
N ALA A 252 27.58 10.04 13.97
CA ALA A 252 26.66 10.74 13.10
C ALA A 252 25.23 10.51 13.56
N THR A 253 24.39 11.53 13.38
CA THR A 253 23.02 11.49 13.82
C THR A 253 22.10 11.84 12.66
N GLY A 254 20.88 11.30 12.71
CA GLY A 254 19.87 11.62 11.71
C GLY A 254 18.57 12.03 12.35
N SER A 255 18.06 13.20 11.98
CA SER A 255 16.86 13.75 12.59
C SER A 255 15.77 13.93 11.53
N ASP A 256 14.66 14.54 11.94
CA ASP A 256 13.53 14.74 11.05
C ASP A 256 13.57 16.05 10.29
N ASP A 257 14.63 16.84 10.45
CA ASP A 257 14.82 18.05 9.67
C ASP A 257 15.62 17.79 8.40
N ALA A 258 15.69 16.53 7.95
CA ALA A 258 16.36 16.15 6.71
C ALA A 258 17.84 16.54 6.72
N THR A 259 18.49 16.38 7.87
CA THR A 259 19.91 16.67 7.98
C THR A 259 20.61 15.57 8.76
N CYS A 260 21.76 15.15 8.25
CA CYS A 260 22.69 14.27 8.97
C CYS A 260 23.88 15.11 9.41
N ARG A 261 24.27 14.95 10.66
CA ARG A 261 25.35 15.75 11.24
C ARG A 261 26.40 14.84 11.84
N LEU A 262 27.65 15.29 11.76
CA LEU A 262 28.79 14.56 12.32
C LEU A 262 29.35 15.34 13.49
N PHE A 263 29.44 14.70 14.64
CA PHE A 263 29.97 15.31 15.85
C PHE A 263 31.33 14.70 16.18
N ASP A 264 32.01 15.31 17.16
CA ASP A 264 33.30 14.83 17.64
C ASP A 264 33.26 14.77 19.15
N LEU A 265 33.77 13.68 19.71
CA LEU A 265 33.85 13.57 21.16
C LEU A 265 34.92 14.49 21.72
N ARG A 266 36.07 14.59 21.05
CA ARG A 266 37.17 15.37 21.58
C ARG A 266 36.91 16.87 21.45
N ALA A 267 36.44 17.31 20.29
CA ALA A 267 36.17 18.73 20.11
C ALA A 267 34.85 19.17 20.73
N ASP A 268 33.97 18.22 21.07
CA ASP A 268 32.71 18.51 21.74
C ASP A 268 31.86 19.51 20.94
N GLN A 269 31.86 19.36 19.62
CA GLN A 269 31.09 20.26 18.77
C GLN A 269 30.85 19.60 17.43
N GLU A 270 29.90 20.16 16.68
CA GLU A 270 29.57 19.69 15.35
C GLU A 270 30.65 20.08 14.35
N LEU A 271 30.90 19.20 13.39
CA LEU A 271 31.90 19.42 12.35
C LEU A 271 31.32 19.59 10.96
N MET A 272 30.27 18.85 10.62
CA MET A 272 29.79 18.85 9.25
C MET A 272 28.33 18.41 9.22
N THR A 273 27.56 19.03 8.32
CA THR A 273 26.16 18.67 8.11
C THR A 273 25.96 18.20 6.68
N TYR A 274 25.04 17.26 6.51
CA TYR A 274 24.76 16.64 5.22
C TYR A 274 23.31 16.93 4.85
N SER A 275 23.09 18.03 4.15
CA SER A 275 21.76 18.47 3.77
C SER A 275 21.71 18.84 2.30
N HIS A 276 20.55 18.63 1.68
CA HIS A 276 20.33 18.99 0.30
C HIS A 276 18.95 19.64 0.19
N ASP A 277 18.81 20.55 -0.79
CA ASP A 277 17.55 21.27 -0.95
C ASP A 277 16.41 20.33 -1.32
N ASN A 278 16.67 19.36 -2.19
CA ASN A 278 15.62 18.45 -2.65
C ASN A 278 15.16 17.49 -1.57
N ILE A 279 15.86 17.42 -0.43
CA ILE A 279 15.51 16.50 0.64
C ILE A 279 14.76 17.28 1.72
N ILE A 280 13.50 16.93 1.94
CA ILE A 280 12.69 17.59 2.95
C ILE A 280 12.00 16.55 3.82
N CYS A 281 12.40 15.30 3.69
CA CYS A 281 11.82 14.20 4.46
C CYS A 281 12.74 13.82 5.62
N GLY A 282 12.17 13.07 6.56
CA GLY A 282 12.93 12.67 7.72
C GLY A 282 13.96 11.59 7.40
N ILE A 283 14.80 11.31 8.38
CA ILE A 283 15.85 10.31 8.29
C ILE A 283 15.61 9.27 9.36
N THR A 284 15.63 8.00 8.97
CA THR A 284 15.30 6.91 9.88
C THR A 284 16.47 6.04 10.28
N SER A 285 17.53 5.98 9.48
CA SER A 285 18.65 5.12 9.78
C SER A 285 19.93 5.76 9.27
N VAL A 286 21.03 5.59 10.01
CA VAL A 286 22.33 6.10 9.63
C VAL A 286 23.38 5.06 9.94
N SER A 287 24.32 4.86 9.02
CA SER A 287 25.41 3.92 9.24
C SER A 287 26.62 4.35 8.42
N PHE A 288 27.79 3.87 8.83
CA PHE A 288 29.05 4.18 8.18
C PHE A 288 29.55 2.94 7.42
N SER A 289 30.65 3.13 6.70
CA SER A 289 31.36 2.04 6.05
C SER A 289 32.55 1.63 6.90
N LYS A 290 33.31 0.65 6.42
CA LYS A 290 34.43 0.13 7.20
C LYS A 290 35.51 1.19 7.40
N SER A 291 35.82 1.94 6.35
CA SER A 291 36.83 2.99 6.45
C SER A 291 36.26 4.31 6.96
N GLY A 292 34.94 4.43 7.08
CA GLY A 292 34.33 5.66 7.52
C GLY A 292 34.23 6.75 6.48
N ARG A 293 34.63 6.47 5.24
CA ARG A 293 34.57 7.50 4.20
C ARG A 293 33.14 7.70 3.71
N LEU A 294 32.35 6.64 3.66
CA LEU A 294 30.98 6.71 3.17
C LEU A 294 30.01 6.70 4.35
N LEU A 295 29.02 7.59 4.30
CA LEU A 295 27.95 7.62 5.29
C LEU A 295 26.66 7.28 4.58
N LEU A 296 25.99 6.23 5.03
CA LEU A 296 24.73 5.78 4.43
C LEU A 296 23.59 6.17 5.36
N ALA A 297 22.55 6.79 4.79
CA ALA A 297 21.42 7.28 5.58
C ALA A 297 20.13 6.95 4.86
N GLY A 298 19.26 6.19 5.52
CA GLY A 298 17.95 5.90 4.97
C GLY A 298 16.99 7.05 5.21
N TYR A 299 16.18 7.33 4.20
CA TYR A 299 15.26 8.47 4.23
C TYR A 299 13.82 7.98 4.17
N ASP A 300 12.89 8.91 4.44
CA ASP A 300 11.47 8.59 4.40
C ASP A 300 10.94 8.46 2.97
N ASP A 301 11.56 9.15 2.01
CA ASP A 301 11.05 9.10 0.65
C ASP A 301 11.53 7.85 -0.08
N PHE A 302 11.36 6.70 0.55
CA PHE A 302 11.44 5.38 -0.08
C PHE A 302 12.83 5.04 -0.61
N ASN A 303 13.86 5.81 -0.29
CA ASN A 303 15.17 5.53 -0.84
C ASN A 303 16.26 5.98 0.13
N CYS A 304 17.45 5.43 -0.06
CA CYS A 304 18.63 5.74 0.74
C CYS A 304 19.60 6.60 -0.06
N ASN A 305 20.49 7.27 0.66
CA ASN A 305 21.50 8.11 0.05
C ASN A 305 22.87 7.82 0.66
N VAL A 306 23.90 7.92 -0.16
CA VAL A 306 25.28 7.67 0.26
C VAL A 306 26.00 9.01 0.28
N TRP A 307 26.58 9.37 1.42
CA TRP A 307 27.22 10.66 1.60
C TRP A 307 28.72 10.48 1.79
N ASP A 308 29.49 11.24 1.02
CA ASP A 308 30.93 11.30 1.23
C ASP A 308 31.20 12.06 2.52
N ALA A 309 31.64 11.35 3.56
CA ALA A 309 31.73 11.95 4.88
C ALA A 309 32.74 13.10 4.92
N LEU A 310 33.81 13.02 4.14
CA LEU A 310 34.85 14.03 4.18
C LEU A 310 34.59 15.22 3.27
N LYS A 311 33.57 15.16 2.41
CA LYS A 311 33.26 16.24 1.49
C LYS A 311 31.80 16.68 1.52
N ALA A 312 30.92 15.96 2.22
CA ALA A 312 29.50 16.28 2.31
C ALA A 312 28.81 16.31 0.95
N ASP A 313 29.37 15.62 -0.04
CA ASP A 313 28.78 15.53 -1.37
C ASP A 313 28.18 14.15 -1.56
N ARG A 314 26.92 14.10 -1.99
CA ARG A 314 26.28 12.82 -2.23
C ARG A 314 26.97 12.08 -3.36
N ALA A 315 27.21 10.78 -3.16
CA ALA A 315 27.93 9.98 -4.12
C ALA A 315 27.13 8.82 -4.69
N GLY A 316 25.96 8.53 -4.15
CA GLY A 316 25.16 7.44 -4.68
C GLY A 316 23.78 7.43 -4.05
N VAL A 317 22.85 6.81 -4.77
CA VAL A 317 21.46 6.70 -4.33
C VAL A 317 21.04 5.25 -4.47
N LEU A 318 20.42 4.71 -3.42
CA LEU A 318 19.90 3.34 -3.40
C LEU A 318 18.38 3.46 -3.43
N ALA A 319 17.82 3.52 -4.63
CA ALA A 319 16.40 3.84 -4.83
C ALA A 319 15.57 2.62 -5.20
N GLY A 320 15.89 1.46 -4.62
CA GLY A 320 15.19 0.23 -4.95
C GLY A 320 14.05 -0.15 -4.01
N HIS A 321 13.67 0.70 -3.08
CA HIS A 321 12.67 0.37 -2.06
C HIS A 321 11.34 1.02 -2.39
N ASP A 322 10.26 0.23 -2.28
CA ASP A 322 8.93 0.73 -2.60
C ASP A 322 8.41 1.66 -1.51
N ASN A 323 8.62 1.30 -0.25
CA ASN A 323 8.05 2.04 0.86
C ASN A 323 9.16 2.63 1.73
N ARG A 324 8.76 3.22 2.86
CA ARG A 324 9.69 3.95 3.71
C ARG A 324 10.80 3.03 4.24
N VAL A 325 12.02 3.52 4.20
CA VAL A 325 13.16 2.79 4.77
C VAL A 325 13.22 3.09 6.26
N SER A 326 13.26 2.02 7.07
CA SER A 326 13.23 2.15 8.51
C SER A 326 14.45 1.58 9.22
N CYS A 327 15.25 0.76 8.55
CA CYS A 327 16.40 0.14 9.20
C CYS A 327 17.51 -0.04 8.16
N LEU A 328 18.74 -0.09 8.65
CA LEU A 328 19.91 -0.13 7.79
C LEU A 328 21.09 -0.65 8.60
N GLY A 329 21.96 -1.40 7.95
CA GLY A 329 23.13 -1.94 8.63
C GLY A 329 24.21 -2.32 7.65
N VAL A 330 25.46 -2.19 8.10
CA VAL A 330 26.63 -2.52 7.30
C VAL A 330 27.41 -3.62 8.01
N THR A 331 27.84 -4.62 7.25
CA THR A 331 28.56 -5.74 7.82
C THR A 331 29.88 -5.28 8.45
N ASP A 332 30.37 -6.08 9.39
CA ASP A 332 31.62 -5.73 10.07
C ASP A 332 32.79 -5.68 9.10
N ASP A 333 32.86 -6.66 8.19
CA ASP A 333 33.91 -6.64 7.18
C ASP A 333 33.63 -5.64 6.06
N GLY A 334 32.44 -5.05 6.03
CA GLY A 334 32.11 -4.03 5.05
C GLY A 334 31.81 -4.54 3.66
N MET A 335 31.64 -5.86 3.48
CA MET A 335 31.42 -6.40 2.15
C MET A 335 30.07 -5.97 1.59
N ALA A 336 29.03 -5.93 2.43
CA ALA A 336 27.69 -5.65 1.94
C ALA A 336 26.93 -4.82 2.95
N VAL A 337 25.91 -4.12 2.46
CA VAL A 337 25.01 -3.32 3.27
C VAL A 337 23.58 -3.80 3.02
N ALA A 338 22.83 -4.02 4.09
CA ALA A 338 21.44 -4.45 3.99
C ALA A 338 20.52 -3.32 4.42
N THR A 339 19.33 -3.29 3.80
CA THR A 339 18.39 -2.19 4.01
C THR A 339 16.98 -2.75 4.00
N GLY A 340 16.40 -2.91 5.19
CA GLY A 340 14.99 -3.22 5.28
C GLY A 340 14.13 -1.99 5.13
N SER A 341 12.83 -2.21 4.97
CA SER A 341 11.90 -1.11 4.74
C SER A 341 10.50 -1.55 5.15
N TRP A 342 9.55 -0.63 5.01
CA TRP A 342 8.18 -0.88 5.44
C TRP A 342 7.41 -1.76 4.47
N ASP A 343 7.97 -2.07 3.30
CA ASP A 343 7.34 -2.98 2.35
C ASP A 343 7.68 -4.45 2.62
N SER A 344 8.18 -4.75 3.81
CA SER A 344 8.49 -6.13 4.23
C SER A 344 9.55 -6.78 3.34
N PHE A 345 10.46 -5.98 2.79
CA PHE A 345 11.52 -6.49 1.93
C PHE A 345 12.87 -6.02 2.47
N LEU A 346 13.84 -6.94 2.47
CA LEU A 346 15.22 -6.60 2.78
C LEU A 346 16.07 -6.80 1.54
N LYS A 347 16.82 -5.76 1.18
CA LYS A 347 17.67 -5.78 -0.01
C LYS A 347 19.11 -5.59 0.41
N ILE A 348 19.98 -6.49 -0.03
CA ILE A 348 21.39 -6.47 0.32
C ILE A 348 22.14 -5.88 -0.85
N TRP A 349 22.74 -4.71 -0.64
CA TRP A 349 23.45 -3.98 -1.68
C TRP A 349 24.95 -4.22 -1.58
N ASN A 350 25.64 -3.94 -2.67
CA ASN A 350 27.08 -4.16 -2.72
C ASN A 350 27.72 -3.31 -3.83
N SER B 8 10.71 21.95 39.03
CA SER B 8 10.98 21.94 40.47
C SER B 8 12.38 22.43 40.77
N ILE B 9 12.67 22.62 42.06
CA ILE B 9 13.99 23.08 42.47
C ILE B 9 15.03 21.98 42.24
N ALA B 10 14.66 20.72 42.49
CA ALA B 10 15.59 19.62 42.33
C ALA B 10 16.01 19.46 40.87
N GLN B 11 15.06 19.61 39.95
CA GLN B 11 15.38 19.50 38.53
C GLN B 11 16.39 20.56 38.10
N ALA B 12 16.19 21.80 38.55
CA ALA B 12 17.13 22.86 38.23
C ALA B 12 18.50 22.60 38.85
N ARG B 13 18.52 22.09 40.09
CA ARG B 13 19.79 21.77 40.73
C ARG B 13 20.54 20.70 39.95
N LYS B 14 19.84 19.64 39.54
CA LYS B 14 20.49 18.59 38.75
C LYS B 14 20.97 19.13 37.41
N LEU B 15 20.17 19.99 36.77
CA LEU B 15 20.57 20.55 35.48
C LEU B 15 21.83 21.39 35.61
N VAL B 16 21.91 22.24 36.63
CA VAL B 16 23.10 23.09 36.78
C VAL B 16 24.31 22.24 37.17
N GLU B 17 24.11 21.21 37.99
CA GLU B 17 25.24 20.33 38.33
C GLU B 17 25.77 19.61 37.10
N GLN B 18 24.86 19.11 36.26
CA GLN B 18 25.29 18.42 35.04
C GLN B 18 25.98 19.39 34.09
N LEU B 19 25.47 20.62 33.99
CA LEU B 19 26.12 21.62 33.14
C LEU B 19 27.52 21.94 33.64
N LYS B 20 27.69 22.05 34.96
CA LYS B 20 29.03 22.25 35.51
C LYS B 20 29.95 21.09 35.17
N MET B 21 29.46 19.86 35.33
CA MET B 21 30.27 18.69 35.03
C MET B 21 30.68 18.66 33.57
N GLU B 22 29.76 18.99 32.67
CA GLU B 22 30.07 18.99 31.24
C GLU B 22 31.04 20.12 30.89
N ALA B 23 30.88 21.29 31.49
CA ALA B 23 31.77 22.42 31.21
C ALA B 23 33.15 22.22 31.82
N ASN B 24 33.29 21.29 32.77
CA ASN B 24 34.59 21.07 33.39
C ASN B 24 35.60 20.50 32.39
N ILE B 25 35.13 19.74 31.39
CA ILE B 25 36.01 19.03 30.48
C ILE B 25 36.82 20.00 29.62
N ASP B 26 37.86 19.48 28.96
CA ASP B 26 38.71 20.24 28.06
C ASP B 26 38.53 19.74 26.64
N ARG B 27 38.69 20.64 25.67
CA ARG B 27 38.41 20.36 24.27
C ARG B 27 39.65 20.63 23.43
N ILE B 28 39.94 19.71 22.51
CA ILE B 28 41.04 19.86 21.57
C ILE B 28 40.59 20.74 20.41
N LYS B 29 41.55 21.18 19.60
CA LYS B 29 41.22 22.02 18.46
C LYS B 29 40.50 21.20 17.40
N VAL B 30 39.56 21.84 16.70
CA VAL B 30 38.75 21.11 15.72
C VAL B 30 39.58 20.70 14.51
N SER B 31 40.58 21.50 14.13
CA SER B 31 41.41 21.15 12.99
C SER B 31 42.16 19.85 13.24
N LYS B 32 42.63 19.65 14.46
CA LYS B 32 43.31 18.40 14.80
C LYS B 32 42.36 17.21 14.64
N ALA B 33 41.12 17.35 15.11
CA ALA B 33 40.16 16.26 14.98
C ALA B 33 39.84 15.97 13.52
N ALA B 34 39.67 17.02 12.71
CA ALA B 34 39.43 16.81 11.29
C ALA B 34 40.59 16.12 10.61
N ALA B 35 41.82 16.51 10.96
CA ALA B 35 43.00 15.86 10.40
C ALA B 35 43.06 14.40 10.81
N ASP B 36 42.73 14.09 12.07
CA ASP B 36 42.74 12.71 12.52
C ASP B 36 41.71 11.86 11.78
N LEU B 37 40.50 12.42 11.59
CA LEU B 37 39.48 11.69 10.84
C LEU B 37 39.92 11.46 9.39
N MET B 38 40.51 12.48 8.77
CA MET B 38 40.99 12.33 7.40
C MET B 38 42.08 11.27 7.32
N ALA B 39 43.01 11.26 8.29
CA ALA B 39 44.08 10.28 8.28
C ALA B 39 43.54 8.87 8.47
N TYR B 40 42.57 8.71 9.37
CA TYR B 40 41.98 7.38 9.56
C TYR B 40 41.28 6.91 8.30
N CYS B 41 40.55 7.80 7.63
CA CYS B 41 39.87 7.40 6.40
C CYS B 41 40.87 7.06 5.30
N GLU B 42 41.97 7.80 5.20
CA GLU B 42 42.96 7.54 4.18
C GLU B 42 43.82 6.32 4.48
N ALA B 43 43.89 5.89 5.74
CA ALA B 43 44.68 4.71 6.09
C ALA B 43 43.93 3.42 5.84
N HIS B 44 42.64 3.47 5.53
CA HIS B 44 41.85 2.27 5.27
C HIS B 44 41.15 2.35 3.92
N ALA B 45 41.73 3.09 2.97
CA ALA B 45 41.12 3.24 1.66
C ALA B 45 41.06 1.91 0.92
N LYS B 46 42.12 1.11 1.00
CA LYS B 46 42.18 -0.17 0.30
C LYS B 46 41.37 -1.25 0.99
N GLU B 47 40.94 -1.04 2.23
CA GLU B 47 40.23 -2.05 3.00
C GLU B 47 38.72 -1.83 3.03
N ASP B 48 38.20 -0.95 2.17
CA ASP B 48 36.76 -0.69 2.15
C ASP B 48 36.15 -1.34 0.92
N PRO B 49 35.43 -2.45 1.07
CA PRO B 49 34.82 -3.10 -0.10
C PRO B 49 33.81 -2.23 -0.83
N LEU B 50 33.09 -1.37 -0.11
CA LEU B 50 32.09 -0.52 -0.77
C LEU B 50 32.74 0.64 -1.51
N LEU B 51 33.81 1.20 -0.97
CA LEU B 51 34.43 2.37 -1.59
C LEU B 51 35.09 1.99 -2.92
N THR B 52 35.89 0.93 -2.92
CA THR B 52 36.58 0.48 -4.12
C THR B 52 35.86 -0.71 -4.73
N PRO B 53 35.71 -0.76 -6.04
CA PRO B 53 35.06 -1.93 -6.66
C PRO B 53 35.81 -3.21 -6.33
N VAL B 54 35.05 -4.28 -6.11
CA VAL B 54 35.59 -5.58 -5.69
C VAL B 54 35.40 -6.54 -6.86
N PRO B 55 36.40 -7.37 -7.18
CA PRO B 55 36.21 -8.38 -8.23
C PRO B 55 35.09 -9.35 -7.88
N ALA B 56 34.36 -9.78 -8.91
CA ALA B 56 33.18 -10.61 -8.69
C ALA B 56 33.55 -11.96 -8.07
N SER B 57 34.76 -12.46 -8.36
CA SER B 57 35.17 -13.74 -7.80
C SER B 57 35.27 -13.70 -6.28
N GLU B 58 35.83 -12.61 -5.74
CA GLU B 58 35.98 -12.51 -4.29
C GLU B 58 34.65 -12.21 -3.61
N ASN B 59 33.79 -11.44 -4.27
CA ASN B 59 32.55 -10.97 -3.67
C ASN B 59 31.61 -12.14 -3.38
N PRO B 60 31.20 -12.35 -2.14
CA PRO B 60 30.25 -13.44 -1.85
C PRO B 60 28.86 -13.20 -2.41
N PHE B 61 28.52 -11.95 -2.74
CA PHE B 61 27.19 -11.59 -3.24
C PHE B 61 27.22 -11.33 -4.74
N ARG B 62 28.02 -12.11 -5.47
CA ARG B 62 28.13 -11.97 -6.92
C ARG B 62 26.81 -12.30 -7.62
N GLN C 1 21.05 24.98 20.06
CA GLN C 1 19.84 24.24 20.37
C GLN C 1 18.62 25.13 20.21
N VAL C 2 17.43 24.56 20.39
CA VAL C 2 16.20 25.32 20.28
C VAL C 2 15.97 26.09 21.57
N GLN C 3 15.68 27.38 21.44
CA GLN C 3 15.44 28.24 22.58
C GLN C 3 14.24 29.13 22.29
N LEU C 4 13.19 28.99 23.09
CA LEU C 4 11.99 29.81 22.97
C LEU C 4 11.85 30.63 24.24
N GLN C 5 11.83 31.95 24.09
CA GLN C 5 11.75 32.87 25.23
C GLN C 5 10.56 33.80 25.04
N GLU C 6 9.70 33.88 26.05
CA GLU C 6 8.51 34.71 25.98
C GLU C 6 8.80 36.10 26.51
N SER C 7 7.96 37.05 26.10
CA SER C 7 8.07 38.44 26.51
C SER C 7 6.69 38.97 26.87
N GLY C 8 6.68 40.01 27.68
CA GLY C 8 5.43 40.62 28.11
C GLY C 8 4.88 39.96 29.35
N GLY C 9 3.61 40.24 29.62
CA GLY C 9 2.94 39.71 30.78
C GLY C 9 3.13 40.59 32.00
N GLY C 10 2.40 40.25 33.06
CA GLY C 10 2.41 41.00 34.29
C GLY C 10 1.04 41.01 34.92
N LEU C 11 0.78 42.02 35.73
CA LEU C 11 -0.48 42.18 36.43
C LEU C 11 -1.25 43.34 35.80
N VAL C 12 -2.42 43.04 35.23
CA VAL C 12 -3.26 44.03 34.59
C VAL C 12 -4.68 43.87 35.11
N GLN C 13 -5.38 45.00 35.28
CA GLN C 13 -6.76 44.97 35.71
C GLN C 13 -7.65 44.40 34.60
N PRO C 14 -8.80 43.83 34.96
CA PRO C 14 -9.68 43.26 33.95
C PRO C 14 -10.10 44.30 32.92
N GLY C 15 -10.22 43.87 31.66
CA GLY C 15 -10.53 44.76 30.57
C GLY C 15 -9.33 45.41 29.92
N GLY C 16 -8.13 45.20 30.45
CA GLY C 16 -6.93 45.78 29.88
C GLY C 16 -6.42 45.01 28.68
N SER C 17 -5.34 45.52 28.12
CA SER C 17 -4.72 44.93 26.94
C SER C 17 -3.28 44.52 27.25
N LEU C 18 -2.89 43.35 26.76
CA LEU C 18 -1.56 42.81 27.00
C LEU C 18 -0.98 42.30 25.69
N ARG C 19 0.35 42.38 25.58
CA ARG C 19 1.06 41.95 24.39
C ARG C 19 2.09 40.89 24.77
N LEU C 20 2.05 39.76 24.07
CA LEU C 20 2.98 38.66 24.30
C LEU C 20 3.81 38.43 23.05
N SER C 21 5.14 38.39 23.23
CA SER C 21 6.07 38.14 22.14
C SER C 21 6.95 36.96 22.50
N CYS C 22 7.22 36.11 21.50
CA CYS C 22 8.10 34.96 21.67
C CYS C 22 9.27 35.08 20.70
N ALA C 23 10.48 34.97 21.23
CA ALA C 23 11.70 35.04 20.43
C ALA C 23 12.21 33.62 20.23
N ALA C 24 12.41 33.23 18.98
CA ALA C 24 12.82 31.89 18.61
C ALA C 24 14.23 31.90 18.07
N SER C 25 15.01 30.90 18.47
CA SER C 25 16.39 30.77 18.00
C SER C 25 16.74 29.29 17.90
N GLY C 26 17.72 28.99 17.06
CA GLY C 26 18.20 27.64 16.90
C GLY C 26 17.53 26.82 15.82
N PHE C 27 16.61 27.41 15.05
CA PHE C 27 15.94 26.68 13.98
C PHE C 27 15.37 27.67 12.98
N THR C 28 15.03 27.16 11.81
CA THR C 28 14.41 27.97 10.77
C THR C 28 12.96 28.25 11.14
N PHE C 29 12.68 29.49 11.55
CA PHE C 29 11.37 29.82 12.09
C PHE C 29 10.26 29.76 11.05
N SER C 30 10.60 29.73 9.76
CA SER C 30 9.60 29.79 8.70
C SER C 30 9.13 28.42 8.25
N ASN C 31 9.57 27.34 8.91
CA ASN C 31 9.19 25.99 8.52
C ASN C 31 8.34 25.28 9.56
N TYR C 32 8.03 25.92 10.68
CA TYR C 32 7.32 25.27 11.77
C TYR C 32 6.03 26.02 12.09
N LYS C 33 4.96 25.26 12.32
CA LYS C 33 3.76 25.83 12.91
C LYS C 33 4.04 26.21 14.36
N MET C 34 3.45 27.32 14.78
CA MET C 34 3.67 27.83 16.13
C MET C 34 2.38 27.79 16.93
N ASN C 35 2.52 27.64 18.25
CA ASN C 35 1.39 27.44 19.13
C ASN C 35 1.54 28.33 20.36
N TRP C 36 0.43 28.59 21.02
CA TRP C 36 0.42 29.22 22.33
C TRP C 36 -0.33 28.30 23.28
N VAL C 37 0.29 28.00 24.43
CA VAL C 37 -0.26 27.06 25.39
C VAL C 37 -0.32 27.75 26.75
N ARG C 38 -1.47 27.62 27.42
CA ARG C 38 -1.72 28.26 28.70
C ARG C 38 -1.92 27.20 29.78
N GLN C 39 -1.32 27.44 30.94
CA GLN C 39 -1.48 26.55 32.10
C GLN C 39 -2.16 27.33 33.23
N ALA C 40 -3.44 27.05 33.44
CA ALA C 40 -4.15 27.67 34.54
C ALA C 40 -3.63 27.14 35.88
N PRO C 41 -3.66 27.97 36.92
CA PRO C 41 -3.17 27.50 38.23
C PRO C 41 -4.02 26.36 38.75
N GLY C 42 -3.37 25.25 39.11
CA GLY C 42 -4.04 24.08 39.61
C GLY C 42 -4.65 23.19 38.56
N LYS C 43 -4.48 23.51 37.27
CA LYS C 43 -5.03 22.72 36.18
C LYS C 43 -3.91 22.33 35.23
N GLY C 44 -4.27 21.55 34.20
CA GLY C 44 -3.31 21.11 33.22
C GLY C 44 -3.09 22.13 32.11
N LEU C 45 -2.21 21.76 31.19
CA LEU C 45 -1.92 22.62 30.05
C LEU C 45 -3.12 22.70 29.13
N GLU C 46 -3.38 23.88 28.60
CA GLU C 46 -4.50 24.11 27.68
C GLU C 46 -3.99 24.82 26.44
N TRP C 47 -4.47 24.37 25.27
CA TRP C 47 -4.10 24.98 24.00
C TRP C 47 -4.90 26.27 23.78
N VAL C 48 -4.24 27.25 23.18
CA VAL C 48 -4.86 28.56 23.00
C VAL C 48 -5.05 28.87 21.52
N SER C 49 -3.96 28.89 20.76
CA SER C 49 -4.04 29.27 19.35
C SER C 49 -2.90 28.64 18.58
N ASP C 50 -3.03 28.65 17.25
CA ASP C 50 -1.96 28.19 16.38
C ASP C 50 -1.99 29.01 15.09
N ILE C 51 -0.83 29.11 14.44
CA ILE C 51 -0.70 29.84 13.19
C ILE C 51 0.20 29.04 12.26
N SER C 52 -0.15 29.03 10.97
CA SER C 52 0.56 28.20 10.01
C SER C 52 1.95 28.76 9.72
N GLN C 53 2.63 28.13 8.77
CA GLN C 53 4.00 28.52 8.44
C GLN C 53 4.05 29.95 7.88
N SER C 54 3.13 30.27 6.97
CA SER C 54 3.07 31.60 6.37
C SER C 54 2.03 32.49 7.01
N GLY C 55 1.31 32.01 8.02
CA GLY C 55 0.26 32.79 8.64
C GLY C 55 -1.06 32.76 7.91
N ALA C 56 -1.23 31.88 6.93
CA ALA C 56 -2.47 31.84 6.17
C ALA C 56 -3.63 31.32 7.03
N SER C 57 -3.42 30.22 7.73
CA SER C 57 -4.47 29.59 8.53
C SER C 57 -4.21 29.87 10.00
N ILE C 58 -5.21 30.45 10.67
CA ILE C 58 -5.13 30.79 12.08
C ILE C 58 -6.32 30.17 12.79
N SER C 59 -6.06 29.57 13.95
CA SER C 59 -7.11 28.94 14.76
C SER C 59 -6.99 29.39 16.19
N TYR C 60 -8.14 29.46 16.87
CA TYR C 60 -8.21 29.83 18.27
C TYR C 60 -9.12 28.87 19.01
N THR C 61 -8.90 28.76 20.32
CA THR C 61 -9.83 28.01 21.14
C THR C 61 -11.11 28.81 21.34
N GLY C 62 -12.17 28.12 21.76
CA GLY C 62 -13.48 28.76 21.83
C GLY C 62 -13.53 29.89 22.83
N SER C 63 -12.88 29.73 23.98
CA SER C 63 -13.00 30.70 25.05
C SER C 63 -12.39 32.06 24.73
N VAL C 64 -11.58 32.17 23.68
CA VAL C 64 -10.90 33.43 23.40
C VAL C 64 -11.14 33.86 21.96
N LYS C 65 -12.13 33.25 21.31
CA LYS C 65 -12.42 33.58 19.92
C LYS C 65 -12.84 35.04 19.79
N GLY C 66 -12.21 35.74 18.86
CA GLY C 66 -12.53 37.14 18.62
C GLY C 66 -11.96 38.11 19.62
N ARG C 67 -11.14 37.65 20.56
CA ARG C 67 -10.58 38.50 21.60
C ARG C 67 -9.06 38.49 21.63
N PHE C 68 -8.44 37.35 21.34
CA PHE C 68 -7.00 37.26 21.18
C PHE C 68 -6.65 37.09 19.71
N THR C 69 -5.59 37.77 19.27
CA THR C 69 -5.09 37.64 17.91
C THR C 69 -3.61 37.29 17.97
N ILE C 70 -3.18 36.39 17.10
CA ILE C 70 -1.79 35.95 17.05
C ILE C 70 -1.19 36.32 15.70
N SER C 71 0.10 36.61 15.70
CA SER C 71 0.80 37.01 14.49
C SER C 71 2.25 36.56 14.58
N ARG C 72 2.88 36.45 13.40
CA ARG C 72 4.27 36.05 13.33
C ARG C 72 4.93 36.75 12.15
N ASP C 73 6.21 37.06 12.30
CA ASP C 73 7.02 37.62 11.23
C ASP C 73 8.27 36.77 11.11
N ASN C 74 8.39 36.04 9.98
CA ASN C 74 9.52 35.13 9.80
C ASN C 74 10.84 35.86 9.64
N ALA C 75 10.82 37.11 9.17
CA ALA C 75 12.06 37.86 8.98
C ALA C 75 12.77 38.08 10.31
N LYS C 76 12.04 38.44 11.35
CA LYS C 76 12.62 38.68 12.67
C LYS C 76 12.54 37.46 13.58
N ASN C 77 11.99 36.35 13.10
CA ASN C 77 11.90 35.11 13.88
C ASN C 77 11.20 35.35 15.21
N THR C 78 10.05 36.03 15.16
CA THR C 78 9.31 36.39 16.36
C THR C 78 7.86 35.96 16.23
N LEU C 79 7.28 35.48 17.33
CA LEU C 79 5.89 35.09 17.40
C LEU C 79 5.17 36.02 18.36
N TYR C 80 4.00 36.51 17.96
CA TYR C 80 3.28 37.50 18.73
C TYR C 80 1.95 36.95 19.23
N LEU C 81 1.41 37.64 20.25
CA LEU C 81 0.07 37.37 20.76
C LEU C 81 -0.47 38.66 21.34
N GLN C 82 -1.65 39.07 20.87
CA GLN C 82 -2.28 40.31 21.30
C GLN C 82 -3.49 39.98 22.16
N MET C 83 -3.57 40.62 23.31
CA MET C 83 -4.70 40.45 24.23
C MET C 83 -5.47 41.75 24.33
N ASN C 84 -6.80 41.66 24.27
CA ASN C 84 -7.66 42.83 24.19
C ASN C 84 -8.51 43.07 25.44
N SER C 85 -9.12 42.02 26.00
CA SER C 85 -10.01 42.19 27.16
C SER C 85 -9.75 41.02 28.11
N LEU C 86 -8.88 41.23 29.09
CA LEU C 86 -8.50 40.16 30.01
C LEU C 86 -9.63 39.90 30.99
N LYS C 87 -10.31 38.78 30.81
CA LYS C 87 -11.32 38.34 31.76
C LYS C 87 -10.65 37.73 32.98
N PRO C 88 -11.35 37.71 34.13
CA PRO C 88 -10.67 37.32 35.38
C PRO C 88 -10.10 35.91 35.39
N GLU C 89 -10.59 35.00 34.53
CA GLU C 89 -10.08 33.64 34.53
C GLU C 89 -8.90 33.44 33.59
N ASP C 90 -8.43 34.51 32.93
CA ASP C 90 -7.28 34.40 32.03
C ASP C 90 -5.94 34.35 32.77
N THR C 91 -5.95 34.53 34.09
CA THR C 91 -4.70 34.48 34.84
C THR C 91 -4.10 33.08 34.79
N ALA C 92 -2.92 32.96 34.20
CA ALA C 92 -2.27 31.67 34.00
C ALA C 92 -0.87 31.93 33.48
N VAL C 93 -0.16 30.85 33.14
CA VAL C 93 1.18 30.90 32.57
C VAL C 93 1.08 30.53 31.11
N TYR C 94 1.69 31.35 30.25
CA TYR C 94 1.59 31.18 28.80
C TYR C 94 2.95 30.79 28.23
N TYR C 95 2.95 29.73 27.42
CA TYR C 95 4.14 29.27 26.73
C TYR C 95 3.93 29.37 25.22
N CYS C 96 5.02 29.64 24.50
CA CYS C 96 4.98 29.66 23.03
C CYS C 96 5.57 28.36 22.51
N ALA C 97 4.75 27.32 22.48
CA ALA C 97 5.20 26.02 22.03
C ALA C 97 5.43 26.02 20.52
N ARG C 98 6.16 25.01 20.07
CA ARG C 98 6.49 24.85 18.66
C ARG C 98 6.06 23.48 18.16
N CYS C 99 5.64 23.43 16.91
CA CYS C 99 5.25 22.16 16.31
C CYS C 99 6.48 21.27 16.19
N PRO C 100 6.40 20.00 16.58
CA PRO C 100 7.62 19.18 16.69
C PRO C 100 8.38 19.01 15.38
N ALA C 101 7.70 18.96 14.25
CA ALA C 101 8.36 18.67 12.99
C ALA C 101 8.08 19.77 11.97
N PRO C 102 9.00 20.00 11.04
CA PRO C 102 8.78 21.00 10.00
C PRO C 102 8.01 20.44 8.81
N PHE C 103 7.42 21.36 8.04
CA PHE C 103 6.69 21.03 6.81
C PHE C 103 5.60 20.00 7.06
N THR C 104 4.90 20.14 8.17
CA THR C 104 3.83 19.21 8.51
C THR C 104 2.67 19.98 9.12
N ARG C 105 1.48 19.36 9.05
CA ARG C 105 0.28 19.96 9.61
C ARG C 105 -0.10 19.40 10.97
N ASP C 106 0.32 18.18 11.29
CA ASP C 106 0.04 17.59 12.58
C ASP C 106 1.09 18.06 13.60
N CYS C 107 0.62 18.56 14.74
CA CYS C 107 1.49 19.01 15.81
C CYS C 107 1.11 18.25 17.07
N PHE C 108 1.71 17.09 17.24
CA PHE C 108 1.41 16.22 18.37
C PHE C 108 2.07 16.74 19.64
N ASP C 109 1.46 16.40 20.77
CA ASP C 109 2.08 16.49 22.10
C ASP C 109 2.41 17.91 22.52
N VAL C 110 1.84 18.91 21.82
CA VAL C 110 2.15 20.30 22.15
C VAL C 110 1.64 20.64 23.55
N THR C 111 0.43 20.20 23.88
CA THR C 111 -0.15 20.47 25.20
C THR C 111 0.30 19.48 26.26
N SER C 112 1.09 18.47 25.91
CA SER C 112 1.54 17.50 26.89
C SER C 112 2.59 18.13 27.81
N THR C 113 2.72 17.55 28.99
CA THR C 113 3.73 18.00 29.93
C THR C 113 5.12 17.62 29.43
N THR C 114 6.13 18.18 30.09
CA THR C 114 7.56 17.97 29.82
C THR C 114 7.88 17.94 28.32
N TYR C 115 7.17 18.75 27.54
CA TYR C 115 7.44 18.85 26.12
C TYR C 115 8.79 19.52 25.88
N ALA C 116 9.52 19.01 24.89
CA ALA C 116 10.90 19.45 24.68
C ALA C 116 10.95 20.90 24.19
N TYR C 117 10.16 21.23 23.17
CA TYR C 117 10.26 22.52 22.50
C TYR C 117 9.22 23.50 23.06
N ARG C 118 9.37 23.84 24.33
CA ARG C 118 8.53 24.83 24.98
C ARG C 118 9.40 25.79 25.78
N GLY C 119 8.94 27.03 25.88
CA GLY C 119 9.65 28.04 26.63
C GLY C 119 9.38 27.94 28.11
N GLN C 120 10.09 28.78 28.87
CA GLN C 120 9.89 28.82 30.32
C GLN C 120 8.51 29.36 30.66
N GLY C 121 8.02 30.31 29.88
CA GLY C 121 6.68 30.84 30.06
C GLY C 121 6.66 32.11 30.88
N THR C 122 5.61 32.91 30.66
CA THR C 122 5.39 34.15 31.39
C THR C 122 4.10 34.04 32.19
N GLN C 123 4.08 34.69 33.35
CA GLN C 123 2.93 34.67 34.25
C GLN C 123 2.12 35.94 34.08
N VAL C 124 0.83 35.80 33.84
CA VAL C 124 -0.08 36.92 33.73
C VAL C 124 -1.15 36.78 34.82
N THR C 125 -1.46 37.88 35.48
CA THR C 125 -2.45 37.90 36.54
C THR C 125 -3.43 39.03 36.32
N VAL C 126 -4.68 38.80 36.70
CA VAL C 126 -5.73 39.80 36.55
C VAL C 126 -6.58 39.86 37.82
N HIS D 1 -21.56 -17.21 -29.96
CA HIS D 1 -20.74 -16.00 -29.89
C HIS D 1 -20.50 -15.41 -31.27
N SER D 2 -20.11 -14.13 -31.30
CA SER D 2 -20.09 -13.36 -32.54
C SER D 2 -19.10 -13.93 -33.54
N ASP D 3 -17.91 -14.33 -33.06
CA ASP D 3 -16.89 -14.86 -33.97
C ASP D 3 -17.39 -16.10 -34.69
N GLY D 4 -18.03 -17.00 -33.95
CA GLY D 4 -18.57 -18.20 -34.58
C GLY D 4 -19.65 -17.90 -35.60
N ILE D 5 -20.52 -16.95 -35.28
CA ILE D 5 -21.59 -16.59 -36.22
C ILE D 5 -21.00 -16.01 -37.49
N PHE D 6 -20.01 -15.12 -37.37
CA PHE D 6 -19.38 -14.55 -38.55
C PHE D 6 -18.68 -15.61 -39.37
N THR D 7 -17.95 -16.51 -38.70
CA THR D 7 -17.25 -17.56 -39.44
C THR D 7 -18.23 -18.46 -40.19
N ASP D 8 -19.33 -18.83 -39.53
CA ASP D 8 -20.33 -19.66 -40.19
C ASP D 8 -20.94 -18.95 -41.39
N SER D 9 -21.31 -17.68 -41.21
CA SER D 9 -21.94 -16.94 -42.31
C SER D 9 -20.98 -16.79 -43.48
N TYR D 10 -19.72 -16.45 -43.20
CA TYR D 10 -18.77 -16.22 -44.28
C TYR D 10 -18.45 -17.52 -45.00
N SER D 11 -18.30 -18.62 -44.25
CA SER D 11 -18.05 -19.90 -44.89
C SER D 11 -19.22 -20.33 -45.76
N ARG D 12 -20.45 -20.14 -45.28
CA ARG D 12 -21.61 -20.49 -46.09
C ARG D 12 -21.68 -19.62 -47.34
N TYR D 13 -21.35 -18.33 -47.21
CA TYR D 13 -21.35 -17.45 -48.38
C TYR D 13 -20.32 -17.89 -49.41
N ARG D 14 -19.11 -18.25 -48.95
CA ARG D 14 -18.09 -18.70 -49.88
C ARG D 14 -18.50 -20.01 -50.56
N LYS D 15 -19.10 -20.92 -49.79
CA LYS D 15 -19.57 -22.18 -50.39
C LYS D 15 -20.64 -21.91 -51.44
N GLN D 16 -21.59 -21.02 -51.14
CA GLN D 16 -22.63 -20.71 -52.11
C GLN D 16 -22.05 -20.09 -53.37
N MET D 17 -21.09 -19.17 -53.20
CA MET D 17 -20.46 -18.55 -54.37
C MET D 17 -19.72 -19.59 -55.20
N ALA D 18 -19.00 -20.51 -54.55
CA ALA D 18 -18.28 -21.53 -55.30
C ALA D 18 -19.22 -22.45 -56.05
N VAL D 19 -20.31 -22.87 -55.41
CA VAL D 19 -21.28 -23.74 -56.09
C VAL D 19 -21.94 -23.00 -57.24
N LYS D 20 -22.26 -21.72 -57.06
CA LYS D 20 -22.85 -20.95 -58.15
C LYS D 20 -21.90 -20.84 -59.33
N LYS D 21 -20.62 -20.59 -59.05
CA LYS D 21 -19.63 -20.54 -60.13
C LYS D 21 -19.51 -21.87 -60.82
N TYR D 22 -19.53 -22.98 -60.06
CA TYR D 22 -19.45 -24.30 -60.67
C TYR D 22 -20.63 -24.56 -61.58
N LEU D 23 -21.85 -24.23 -61.12
CA LEU D 23 -23.03 -24.42 -61.96
C LEU D 23 -22.98 -23.54 -63.21
N ALA D 24 -22.51 -22.31 -63.06
CA ALA D 24 -22.38 -21.42 -64.23
C ALA D 24 -21.38 -21.99 -65.23
N ALA D 25 -20.27 -22.54 -64.74
CA ALA D 25 -19.27 -23.11 -65.63
C ALA D 25 -19.78 -24.36 -66.35
N VAL D 26 -20.40 -25.28 -65.60
CA VAL D 26 -20.87 -26.51 -66.22
C VAL D 26 -22.17 -26.31 -66.98
N LEU D 27 -22.93 -25.27 -66.66
CA LEU D 27 -24.19 -25.01 -67.35
C LEU D 27 -24.28 -23.56 -67.79
N ASP E 20 -8.85 -28.40 -60.63
CA ASP E 20 -9.93 -29.29 -60.21
C ASP E 20 -10.02 -29.37 -58.70
N CYS E 21 -11.22 -29.58 -58.18
CA CYS E 21 -11.47 -29.73 -56.76
C CYS E 21 -12.06 -31.10 -56.48
N ILE E 22 -12.50 -31.30 -55.24
CA ILE E 22 -13.00 -32.61 -54.81
C ILE E 22 -14.50 -32.76 -55.07
N PHE E 23 -15.27 -31.68 -54.96
CA PHE E 23 -16.72 -31.79 -55.12
C PHE E 23 -17.12 -32.27 -56.51
N LYS E 24 -16.28 -32.08 -57.52
CA LYS E 24 -16.58 -32.58 -58.85
C LYS E 24 -16.35 -34.07 -58.97
N LYS E 25 -15.60 -34.68 -58.05
CA LYS E 25 -15.40 -36.12 -58.07
C LYS E 25 -16.64 -36.88 -57.62
N GLU E 26 -17.57 -36.22 -56.93
CA GLU E 26 -18.80 -36.88 -56.51
C GLU E 26 -19.59 -37.34 -57.72
N GLN E 27 -19.65 -36.51 -58.77
CA GLN E 27 -20.25 -36.95 -60.03
C GLN E 27 -19.48 -38.12 -60.62
N ALA E 28 -18.15 -38.07 -60.55
CA ALA E 28 -17.34 -39.20 -61.00
C ALA E 28 -17.51 -40.41 -60.08
N MET E 29 -17.81 -40.18 -58.79
CA MET E 29 -18.03 -41.28 -57.88
C MET E 29 -19.25 -42.11 -58.29
N CYS E 30 -20.34 -41.45 -58.67
CA CYS E 30 -21.52 -42.14 -59.18
C CYS E 30 -21.43 -42.44 -60.67
N LEU E 31 -20.42 -41.92 -61.37
CA LEU E 31 -20.25 -42.25 -62.78
C LEU E 31 -20.00 -43.74 -62.98
N GLU E 32 -19.01 -44.28 -62.25
CA GLU E 32 -18.69 -45.70 -62.40
C GLU E 32 -19.86 -46.57 -61.94
N LYS E 33 -20.51 -46.19 -60.84
CA LYS E 33 -21.59 -47.00 -60.30
C LYS E 33 -22.74 -47.13 -61.30
N ILE E 34 -23.10 -46.04 -61.98
CA ILE E 34 -24.19 -46.12 -62.93
C ILE E 34 -23.74 -46.70 -64.26
N GLN E 35 -22.47 -46.53 -64.63
CA GLN E 35 -22.01 -47.06 -65.91
C GLN E 35 -21.87 -48.57 -65.85
N ARG E 36 -21.49 -49.12 -64.69
CA ARG E 36 -21.44 -50.58 -64.56
C ARG E 36 -22.84 -51.16 -64.40
N ALA E 37 -23.75 -50.41 -63.78
CA ALA E 37 -25.12 -50.88 -63.61
C ALA E 37 -25.90 -50.80 -64.91
N ASN E 38 -25.68 -49.72 -65.67
CA ASN E 38 -26.42 -49.50 -66.95
C ASN E 38 -26.25 -50.73 -67.86
N GLU E 39 -25.02 -51.14 -68.13
CA GLU E 39 -24.78 -52.27 -69.07
C GLU E 39 -25.42 -53.55 -68.49
N PRO E 48 -31.21 -51.02 -75.10
CA PRO E 48 -31.39 -50.00 -74.05
C PRO E 48 -32.77 -49.36 -74.12
N GLY E 49 -33.50 -49.42 -73.01
CA GLY E 49 -34.71 -48.60 -72.90
C GLY E 49 -34.39 -47.11 -72.94
N CYS E 50 -33.39 -46.71 -72.15
CA CYS E 50 -32.73 -45.41 -72.25
C CYS E 50 -31.40 -45.50 -71.50
N PRO E 51 -30.29 -45.15 -72.14
CA PRO E 51 -28.99 -45.29 -71.47
C PRO E 51 -28.88 -44.40 -70.25
N GLY E 52 -28.17 -44.89 -69.24
CA GLY E 52 -27.96 -44.13 -68.03
C GLY E 52 -26.88 -43.08 -68.20
N MET E 53 -27.20 -42.02 -68.93
CA MET E 53 -26.23 -40.98 -69.22
C MET E 53 -25.86 -40.21 -67.95
N TRP E 54 -24.67 -39.62 -67.97
CA TRP E 54 -24.16 -38.85 -66.85
C TRP E 54 -23.79 -37.45 -67.32
N ASP E 55 -24.23 -36.45 -66.56
CA ASP E 55 -23.85 -35.06 -66.78
C ASP E 55 -23.11 -34.54 -65.55
N ASN E 56 -22.73 -33.27 -65.60
CA ASN E 56 -22.02 -32.65 -64.48
C ASN E 56 -22.94 -32.31 -63.32
N ILE E 57 -24.18 -32.79 -63.33
CA ILE E 57 -25.16 -32.48 -62.29
C ILE E 57 -25.51 -33.72 -61.47
N THR E 58 -26.04 -34.76 -62.11
CA THR E 58 -26.54 -35.94 -61.42
C THR E 58 -26.17 -37.20 -62.19
N CYS E 59 -26.42 -38.34 -61.55
CA CYS E 59 -26.33 -39.65 -62.19
C CYS E 59 -27.72 -40.25 -62.27
N TRP E 60 -28.12 -40.65 -63.48
CA TRP E 60 -29.46 -41.14 -63.75
C TRP E 60 -29.46 -42.65 -63.92
N LYS E 61 -30.66 -43.21 -64.05
CA LYS E 61 -30.83 -44.65 -64.17
C LYS E 61 -31.71 -44.98 -65.38
N PRO E 62 -31.49 -46.13 -66.00
CA PRO E 62 -32.29 -46.50 -67.17
C PRO E 62 -33.74 -46.77 -66.81
N ALA E 63 -34.60 -46.56 -67.80
CA ALA E 63 -36.04 -46.81 -67.65
C ALA E 63 -36.62 -47.13 -69.03
N HIS E 64 -37.95 -47.17 -69.10
CA HIS E 64 -38.63 -47.45 -70.35
C HIS E 64 -38.67 -46.20 -71.23
N VAL E 65 -39.01 -46.41 -72.51
CA VAL E 65 -39.08 -45.30 -73.45
C VAL E 65 -40.29 -44.44 -73.13
N GLY E 66 -40.05 -43.14 -72.99
CA GLY E 66 -41.12 -42.21 -72.66
C GLY E 66 -41.56 -42.23 -71.21
N GLU E 67 -40.82 -42.92 -70.35
CA GLU E 67 -41.19 -43.02 -68.94
C GLU E 67 -40.50 -41.91 -68.14
N MET E 68 -41.28 -41.22 -67.30
CA MET E 68 -40.73 -40.17 -66.47
C MET E 68 -39.83 -40.75 -65.40
N VAL E 69 -38.67 -40.13 -65.20
CA VAL E 69 -37.71 -40.53 -64.17
C VAL E 69 -37.50 -39.33 -63.25
N LEU E 70 -37.73 -39.55 -61.96
CA LEU E 70 -37.60 -38.49 -60.95
C LEU E 70 -36.47 -38.84 -60.00
N VAL E 71 -35.51 -37.92 -59.86
CA VAL E 71 -34.41 -38.05 -58.92
C VAL E 71 -34.29 -36.76 -58.14
N SER E 72 -33.57 -36.82 -57.03
CA SER E 72 -33.36 -35.68 -56.16
C SER E 72 -31.99 -35.06 -56.43
N CYS E 73 -31.94 -33.75 -56.52
CA CYS E 73 -30.67 -33.07 -56.73
C CYS E 73 -29.75 -33.30 -55.53
N PRO E 74 -28.44 -33.44 -55.74
CA PRO E 74 -27.56 -33.87 -54.65
C PRO E 74 -27.41 -32.84 -53.53
N GLU E 75 -26.60 -33.19 -52.52
CA GLU E 75 -26.42 -32.32 -51.36
C GLU E 75 -25.73 -31.01 -51.73
N LEU E 76 -25.09 -30.95 -52.90
CA LEU E 76 -24.44 -29.71 -53.33
C LEU E 76 -25.44 -28.56 -53.48
N PHE E 77 -26.70 -28.88 -53.78
CA PHE E 77 -27.73 -27.87 -53.89
C PHE E 77 -28.37 -27.53 -52.55
N ARG E 78 -28.07 -28.29 -51.50
CA ARG E 78 -28.64 -28.01 -50.19
C ARG E 78 -28.01 -26.80 -49.50
N ILE E 79 -26.82 -26.40 -49.94
CA ILE E 79 -26.15 -25.25 -49.32
C ILE E 79 -26.90 -23.95 -49.58
N PHE E 80 -27.65 -23.86 -50.67
CA PHE E 80 -28.40 -22.64 -50.96
C PHE E 80 -29.62 -22.48 -50.07
N ASN E 81 -30.32 -23.57 -49.77
CA ASN E 81 -31.54 -23.54 -48.97
C ASN E 81 -31.41 -24.57 -47.85
N PRO E 82 -30.66 -24.25 -46.80
CA PRO E 82 -30.57 -25.18 -45.66
C PRO E 82 -31.89 -25.42 -44.96
N ASP E 83 -32.77 -24.42 -44.94
CA ASP E 83 -34.02 -24.54 -44.18
C ASP E 83 -35.02 -25.48 -44.87
N GLN E 84 -35.11 -25.41 -46.20
CA GLN E 84 -36.08 -26.19 -46.95
C GLN E 84 -35.36 -27.19 -47.84
N ASP E 85 -35.81 -28.44 -47.80
CA ASP E 85 -35.21 -29.53 -48.57
C ASP E 85 -36.22 -30.06 -49.56
N MET E 86 -35.81 -30.20 -50.82
CA MET E 86 -36.66 -30.77 -51.85
C MET E 86 -35.78 -31.31 -52.97
N GLY E 87 -36.29 -32.32 -53.65
CA GLY E 87 -35.55 -32.98 -54.72
C GLY E 87 -36.35 -33.15 -55.99
N VAL E 88 -37.15 -32.14 -56.35
CA VAL E 88 -38.03 -32.25 -57.50
C VAL E 88 -37.25 -32.01 -58.79
N VAL E 89 -36.72 -33.08 -59.37
CA VAL E 89 -36.04 -33.06 -60.65
C VAL E 89 -36.55 -34.23 -61.49
N SER E 90 -36.91 -33.97 -62.74
CA SER E 90 -37.50 -34.96 -63.60
C SER E 90 -36.83 -34.96 -64.96
N ARG E 91 -36.88 -36.12 -65.63
CA ARG E 91 -36.38 -36.27 -66.99
C ARG E 91 -37.18 -37.36 -67.68
N ASN E 92 -37.02 -37.43 -69.00
CA ASN E 92 -37.74 -38.39 -69.82
C ASN E 92 -36.76 -39.21 -70.64
N CYS E 93 -37.17 -40.42 -70.98
CA CYS E 93 -36.38 -41.32 -71.83
C CYS E 93 -36.96 -41.37 -73.23
N THR E 94 -36.10 -41.69 -74.19
CA THR E 94 -36.53 -41.95 -75.56
C THR E 94 -35.95 -43.27 -76.04
N GLU E 95 -36.12 -43.59 -77.32
CA GLU E 95 -35.69 -44.89 -77.82
C GLU E 95 -34.17 -45.03 -77.80
N ASP E 96 -33.44 -43.92 -77.85
CA ASP E 96 -31.98 -43.99 -77.93
C ASP E 96 -31.30 -42.94 -77.06
N GLY E 97 -31.91 -42.57 -75.94
CA GLY E 97 -31.26 -41.62 -75.05
C GLY E 97 -32.27 -40.89 -74.19
N TRP E 98 -31.91 -39.66 -73.82
CA TRP E 98 -32.74 -38.79 -73.01
C TRP E 98 -32.86 -37.43 -73.68
N SER E 99 -34.05 -36.84 -73.58
CA SER E 99 -34.25 -35.47 -74.05
C SER E 99 -33.80 -34.49 -72.97
N GLU E 100 -33.88 -33.20 -73.27
CA GLU E 100 -33.50 -32.15 -72.34
C GLU E 100 -34.64 -31.13 -72.23
N PRO E 101 -35.75 -31.51 -71.62
CA PRO E 101 -36.88 -30.57 -71.44
C PRO E 101 -36.91 -29.85 -70.10
N PHE E 102 -36.00 -30.16 -69.17
CA PHE E 102 -35.95 -29.51 -67.86
C PHE E 102 -34.52 -29.02 -67.60
N PRO E 103 -34.09 -27.95 -68.28
CA PRO E 103 -32.76 -27.41 -68.03
C PRO E 103 -32.72 -26.57 -66.76
N HIS E 104 -33.81 -25.86 -66.48
CA HIS E 104 -33.90 -24.99 -65.32
C HIS E 104 -34.35 -25.72 -64.07
N TYR E 105 -34.77 -26.99 -64.19
CA TYR E 105 -35.17 -27.75 -63.01
C TYR E 105 -34.03 -27.96 -62.05
N PHE E 106 -32.79 -28.00 -62.55
CA PHE E 106 -31.63 -28.02 -61.66
C PHE E 106 -31.56 -26.74 -60.84
N ASP E 107 -31.80 -25.59 -61.48
CA ASP E 107 -31.88 -24.35 -60.72
C ASP E 107 -33.14 -24.29 -59.86
N ALA E 108 -34.20 -24.98 -60.27
CA ALA E 108 -35.43 -24.99 -59.51
C ALA E 108 -35.36 -25.91 -58.29
N CYS E 109 -34.40 -26.83 -58.24
CA CYS E 109 -34.31 -27.75 -57.10
C CYS E 109 -33.78 -27.03 -55.87
N GLY E 110 -32.53 -26.57 -55.93
CA GLY E 110 -31.91 -25.96 -54.77
C GLY E 110 -31.41 -24.55 -54.97
N PHE E 111 -31.13 -24.17 -56.21
CA PHE E 111 -30.53 -22.88 -56.49
C PHE E 111 -31.46 -21.74 -56.09
N ASP E 112 -30.91 -20.75 -55.37
CA ASP E 112 -31.70 -19.64 -54.88
C ASP E 112 -32.04 -18.68 -56.02
N GLU E 113 -33.11 -17.91 -55.80
CA GLU E 113 -33.56 -16.93 -56.79
C GLU E 113 -32.88 -15.58 -56.56
N TYR E 114 -31.54 -15.61 -56.57
CA TYR E 114 -30.72 -14.43 -56.36
C TYR E 114 -31.07 -13.72 -55.07
N GLN E 121 -22.85 -8.20 -50.42
CA GLN E 121 -22.53 -9.12 -49.34
C GLN E 121 -21.03 -9.36 -49.24
N ASP E 122 -20.35 -9.52 -50.38
CA ASP E 122 -18.91 -9.71 -50.35
C ASP E 122 -18.21 -8.49 -49.77
N TYR E 123 -18.64 -7.29 -50.17
CA TYR E 123 -18.05 -6.07 -49.62
C TYR E 123 -18.28 -5.98 -48.12
N TYR E 124 -19.49 -6.32 -47.66
CA TYR E 124 -19.79 -6.27 -46.24
C TYR E 124 -18.90 -7.24 -45.46
N TYR E 125 -18.77 -8.48 -45.95
CA TYR E 125 -17.96 -9.46 -45.24
C TYR E 125 -16.50 -9.05 -45.21
N LEU E 126 -15.97 -8.56 -46.35
CA LEU E 126 -14.57 -8.15 -46.39
C LEU E 126 -14.31 -6.95 -45.49
N SER E 127 -15.23 -5.97 -45.47
CA SER E 127 -15.06 -4.82 -44.61
C SER E 127 -15.07 -5.21 -43.14
N VAL E 128 -16.01 -6.07 -42.75
CA VAL E 128 -16.06 -6.53 -41.37
C VAL E 128 -14.79 -7.28 -41.02
N LYS E 129 -14.31 -8.13 -41.93
CA LYS E 129 -13.09 -8.89 -41.67
C LYS E 129 -11.90 -7.97 -41.44
N ALA E 130 -11.69 -7.01 -42.34
CA ALA E 130 -10.60 -6.06 -42.16
C ALA E 130 -10.76 -5.29 -40.85
N LEU E 131 -12.00 -4.93 -40.51
CA LEU E 131 -12.24 -4.14 -39.32
C LEU E 131 -11.84 -4.90 -38.06
N TYR E 132 -12.27 -6.16 -37.94
CA TYR E 132 -11.93 -6.83 -36.68
C TYR E 132 -10.48 -7.29 -36.69
N THR E 133 -9.86 -7.48 -37.87
CA THR E 133 -8.43 -7.73 -37.88
C THR E 133 -7.67 -6.53 -37.34
N VAL E 134 -8.05 -5.32 -37.77
CA VAL E 134 -7.41 -4.11 -37.24
C VAL E 134 -7.64 -3.99 -35.74
N GLY E 135 -8.88 -4.23 -35.31
CA GLY E 135 -9.18 -4.13 -33.88
C GLY E 135 -8.41 -5.12 -33.04
N TYR E 136 -8.35 -6.38 -33.49
CA TYR E 136 -7.61 -7.39 -32.73
C TYR E 136 -6.12 -7.09 -32.71
N SER E 137 -5.57 -6.58 -33.82
CA SER E 137 -4.16 -6.23 -33.83
C SER E 137 -3.85 -5.12 -32.83
N THR E 138 -4.68 -4.06 -32.84
CA THR E 138 -4.46 -2.97 -31.90
C THR E 138 -4.61 -3.44 -30.45
N SER E 139 -5.63 -4.25 -30.18
CA SER E 139 -5.82 -4.78 -28.84
C SER E 139 -4.64 -5.64 -28.41
N LEU E 140 -4.13 -6.48 -29.31
CA LEU E 140 -3.01 -7.34 -28.99
C LEU E 140 -1.77 -6.52 -28.65
N VAL E 141 -1.49 -5.49 -29.44
CA VAL E 141 -0.31 -4.66 -29.18
C VAL E 141 -0.44 -3.95 -27.83
N THR E 142 -1.60 -3.33 -27.60
CA THR E 142 -1.78 -2.59 -26.35
C THR E 142 -1.75 -3.51 -25.14
N LEU E 143 -2.35 -4.70 -25.26
CA LEU E 143 -2.34 -5.65 -24.16
C LEU E 143 -0.95 -6.20 -23.89
N THR E 144 -0.15 -6.41 -24.95
CA THR E 144 1.23 -6.83 -24.72
C THR E 144 2.01 -5.76 -23.97
N THR E 145 1.84 -4.50 -24.36
CA THR E 145 2.51 -3.42 -23.63
C THR E 145 2.05 -3.38 -22.18
N ALA E 146 0.74 -3.48 -21.94
CA ALA E 146 0.21 -3.42 -20.58
C ALA E 146 0.70 -4.60 -19.75
N MET E 147 0.73 -5.80 -20.33
CA MET E 147 1.19 -6.98 -19.60
C MET E 147 2.66 -6.86 -19.23
N VAL E 148 3.48 -6.35 -20.16
CA VAL E 148 4.89 -6.13 -19.85
C VAL E 148 5.04 -5.13 -18.72
N ILE E 149 4.27 -4.04 -18.78
CA ILE E 149 4.35 -3.02 -17.73
C ILE E 149 3.96 -3.60 -16.37
N LEU E 150 2.88 -4.39 -16.35
CA LEU E 150 2.43 -4.98 -15.08
C LEU E 150 3.44 -5.96 -14.53
N CYS E 151 4.02 -6.81 -15.39
CA CYS E 151 4.94 -7.83 -14.90
C CYS E 151 6.28 -7.22 -14.47
N ARG E 152 6.69 -6.12 -15.11
CA ARG E 152 7.99 -5.55 -14.82
C ARG E 152 8.07 -4.91 -13.44
N PHE E 153 6.95 -4.50 -12.87
CA PHE E 153 6.93 -3.86 -11.56
C PHE E 153 6.55 -4.89 -10.51
N ARG E 154 7.42 -5.05 -9.50
CA ARG E 154 7.15 -6.00 -8.43
C ARG E 154 6.08 -5.47 -7.48
N LYS E 155 5.98 -4.16 -7.36
CA LYS E 155 4.98 -3.56 -6.47
C LYS E 155 3.56 -3.90 -6.92
N LEU E 156 3.31 -3.87 -8.23
CA LEU E 156 1.98 -4.11 -8.78
C LEU E 156 1.76 -5.63 -8.92
N HIS E 157 1.73 -6.30 -7.77
CA HIS E 157 1.56 -7.75 -7.71
C HIS E 157 0.56 -8.08 -6.61
N CYS E 158 -0.71 -8.18 -6.99
CA CYS E 158 -1.80 -8.53 -6.09
C CYS E 158 -2.76 -9.46 -6.81
N THR E 159 -3.76 -9.93 -6.09
CA THR E 159 -4.75 -10.84 -6.68
C THR E 159 -5.50 -10.16 -7.81
N ARG E 160 -5.88 -8.89 -7.63
CA ARG E 160 -6.59 -8.16 -8.67
C ARG E 160 -5.75 -8.07 -9.94
N ASN E 161 -4.46 -7.72 -9.79
CA ASN E 161 -3.60 -7.64 -10.96
C ASN E 161 -3.37 -9.00 -11.58
N PHE E 162 -3.39 -10.07 -10.79
CA PHE E 162 -3.26 -11.41 -11.36
C PHE E 162 -4.48 -11.78 -12.20
N ILE E 163 -5.68 -11.46 -11.70
CA ILE E 163 -6.89 -11.68 -12.50
C ILE E 163 -6.84 -10.85 -13.78
N HIS E 164 -6.35 -9.61 -13.67
CA HIS E 164 -6.23 -8.77 -14.86
C HIS E 164 -5.25 -9.37 -15.86
N MET E 165 -4.13 -9.91 -15.38
CA MET E 165 -3.17 -10.55 -16.27
C MET E 165 -3.79 -11.75 -16.97
N ASN E 166 -4.55 -12.55 -16.24
CA ASN E 166 -5.22 -13.69 -16.86
C ASN E 166 -6.21 -13.24 -17.93
N LEU E 167 -6.94 -12.17 -17.65
CA LEU E 167 -7.86 -11.63 -18.65
C LEU E 167 -7.13 -11.16 -19.89
N PHE E 168 -5.99 -10.48 -19.69
CA PHE E 168 -5.20 -10.01 -20.83
C PHE E 168 -4.70 -11.18 -21.67
N VAL E 169 -4.25 -12.25 -21.00
CA VAL E 169 -3.81 -13.44 -21.72
C VAL E 169 -4.97 -14.06 -22.50
N SER E 170 -6.18 -14.03 -21.92
CA SER E 170 -7.34 -14.55 -22.64
C SER E 170 -7.61 -13.76 -23.91
N PHE E 171 -7.54 -12.42 -23.83
CA PHE E 171 -7.71 -11.62 -25.04
C PHE E 171 -6.61 -11.90 -26.07
N MET E 172 -5.37 -12.04 -25.62
CA MET E 172 -4.28 -12.34 -26.56
C MET E 172 -4.52 -13.67 -27.26
N LEU E 173 -4.93 -14.69 -26.50
CA LEU E 173 -5.23 -15.99 -27.09
C LEU E 173 -6.37 -15.88 -28.08
N ARG E 174 -7.40 -15.11 -27.76
CA ARG E 174 -8.51 -14.94 -28.70
C ARG E 174 -8.04 -14.31 -30.00
N ALA E 175 -7.24 -13.24 -29.93
CA ALA E 175 -6.78 -12.58 -31.13
C ALA E 175 -5.90 -13.50 -31.97
N ILE E 176 -4.98 -14.22 -31.32
CA ILE E 176 -4.10 -15.13 -32.05
C ILE E 176 -4.92 -16.24 -32.72
N SER E 177 -5.89 -16.80 -32.01
CA SER E 177 -6.73 -17.84 -32.59
C SER E 177 -7.51 -17.32 -33.79
N VAL E 178 -8.02 -16.09 -33.70
CA VAL E 178 -8.76 -15.53 -34.82
C VAL E 178 -7.86 -15.36 -36.03
N PHE E 179 -6.65 -14.83 -35.83
CA PHE E 179 -5.73 -14.69 -36.95
C PHE E 179 -5.40 -16.04 -37.58
N ILE E 180 -5.12 -17.04 -36.75
CA ILE E 180 -4.75 -18.36 -37.28
C ILE E 180 -5.92 -18.97 -38.05
N LYS E 181 -7.13 -18.84 -37.52
CA LYS E 181 -8.31 -19.40 -38.18
C LYS E 181 -8.55 -18.71 -39.52
N ASP E 182 -8.43 -17.39 -39.56
CA ASP E 182 -8.60 -16.67 -40.82
C ASP E 182 -7.56 -17.12 -41.85
N TRP E 183 -6.31 -17.19 -41.43
CA TRP E 183 -5.25 -17.59 -42.36
C TRP E 183 -5.48 -19.00 -42.89
N ILE E 184 -5.88 -19.92 -42.02
CA ILE E 184 -6.03 -21.31 -42.44
C ILE E 184 -7.24 -21.47 -43.35
N LEU E 185 -8.38 -20.90 -42.96
CA LEU E 185 -9.61 -21.13 -43.72
C LEU E 185 -9.64 -20.35 -45.04
N TYR E 186 -9.23 -19.09 -45.01
CA TYR E 186 -9.54 -18.18 -46.11
C TYR E 186 -8.33 -17.79 -46.96
N ALA E 187 -7.23 -17.39 -46.31
CA ALA E 187 -6.08 -16.90 -47.07
C ALA E 187 -5.46 -18.00 -47.93
N GLU E 188 -5.31 -19.20 -47.38
CA GLU E 188 -4.66 -20.28 -48.12
C GLU E 188 -5.54 -20.86 -49.22
N SER E 197 -10.93 -30.46 -46.49
CA SER E 197 -10.89 -30.36 -45.04
C SER E 197 -9.78 -31.25 -44.51
N THR E 198 -8.80 -30.65 -43.84
CA THR E 198 -7.68 -31.36 -43.25
C THR E 198 -7.86 -31.44 -41.74
N VAL E 199 -7.20 -32.41 -41.12
CA VAL E 199 -7.28 -32.56 -39.67
C VAL E 199 -6.67 -31.38 -38.96
N GLU E 200 -5.68 -30.72 -39.56
CA GLU E 200 -5.05 -29.57 -38.92
C GLU E 200 -6.04 -28.42 -38.73
N CYS E 201 -6.88 -28.16 -39.75
CA CYS E 201 -7.78 -27.02 -39.65
C CYS E 201 -8.88 -27.26 -38.63
N LYS E 202 -9.27 -28.52 -38.43
CA LYS E 202 -10.21 -28.83 -37.35
C LYS E 202 -9.58 -28.53 -35.99
N ALA E 203 -8.30 -28.85 -35.82
CA ALA E 203 -7.60 -28.49 -34.59
C ALA E 203 -7.56 -26.98 -34.42
N VAL E 204 -7.34 -26.25 -35.51
CA VAL E 204 -7.37 -24.79 -35.44
C VAL E 204 -8.73 -24.31 -34.99
N MET E 205 -9.81 -24.91 -35.53
CA MET E 205 -11.16 -24.53 -35.13
C MET E 205 -11.40 -24.79 -33.65
N VAL E 206 -10.95 -25.94 -33.16
CA VAL E 206 -11.14 -26.26 -31.74
C VAL E 206 -10.38 -25.27 -30.87
N PHE E 207 -9.14 -24.94 -31.24
CA PHE E 207 -8.36 -23.98 -30.48
C PHE E 207 -9.02 -22.60 -30.49
N PHE E 208 -9.57 -22.21 -31.64
CA PHE E 208 -10.25 -20.92 -31.76
C PHE E 208 -11.47 -20.85 -30.86
N HIS E 209 -12.29 -21.90 -30.88
CA HIS E 209 -13.47 -21.93 -30.01
C HIS E 209 -13.05 -21.90 -28.54
N TYR E 210 -12.00 -22.63 -28.19
CA TYR E 210 -11.52 -22.62 -26.80
C TYR E 210 -11.09 -21.23 -26.39
N CYS E 211 -10.35 -20.53 -27.26
CA CYS E 211 -9.89 -19.19 -26.90
C CYS E 211 -11.06 -18.23 -26.71
N VAL E 212 -12.07 -18.30 -27.60
CA VAL E 212 -13.20 -17.40 -27.47
C VAL E 212 -13.97 -17.67 -26.18
N VAL E 213 -14.25 -18.95 -25.90
CA VAL E 213 -15.00 -19.28 -24.69
C VAL E 213 -14.20 -18.91 -23.44
N SER E 214 -12.88 -19.07 -23.49
CA SER E 214 -12.05 -18.69 -22.36
C SER E 214 -12.09 -17.19 -22.12
N ASN E 215 -12.06 -16.39 -23.19
CA ASN E 215 -12.17 -14.95 -23.01
C ASN E 215 -13.51 -14.57 -22.39
N TYR E 216 -14.59 -15.19 -22.86
CA TYR E 216 -15.90 -14.91 -22.27
C TYR E 216 -15.94 -15.28 -20.79
N PHE E 217 -15.39 -16.45 -20.44
CA PHE E 217 -15.43 -16.89 -19.06
C PHE E 217 -14.55 -16.03 -18.16
N TRP E 218 -13.44 -15.50 -18.67
CA TRP E 218 -12.64 -14.60 -17.84
C TRP E 218 -13.30 -13.24 -17.69
N LEU E 219 -14.02 -12.78 -18.72
CA LEU E 219 -14.85 -11.59 -18.54
C LEU E 219 -15.87 -11.80 -17.42
N PHE E 220 -16.47 -12.99 -17.38
CA PHE E 220 -17.38 -13.30 -16.28
C PHE E 220 -16.67 -13.38 -14.93
N ILE E 221 -15.46 -13.95 -14.92
CA ILE E 221 -14.72 -14.14 -13.67
C ILE E 221 -14.33 -12.81 -13.06
N GLU E 222 -14.01 -11.81 -13.89
CA GLU E 222 -13.73 -10.48 -13.36
C GLU E 222 -14.87 -9.98 -12.48
N GLY E 223 -16.09 -10.03 -13.01
CA GLY E 223 -17.24 -9.56 -12.25
C GLY E 223 -17.52 -10.43 -11.04
N LEU E 224 -17.35 -11.75 -11.19
CA LEU E 224 -17.57 -12.64 -10.05
C LEU E 224 -16.62 -12.32 -8.91
N TYR E 225 -15.35 -12.09 -9.22
CA TYR E 225 -14.37 -11.77 -8.19
C TYR E 225 -14.66 -10.42 -7.54
N LEU E 226 -15.02 -9.40 -8.34
CA LEU E 226 -15.32 -8.11 -7.75
C LEU E 226 -16.56 -8.19 -6.85
N PHE E 227 -17.59 -8.92 -7.29
CA PHE E 227 -18.78 -9.08 -6.48
C PHE E 227 -18.47 -9.83 -5.18
N THR E 228 -17.62 -10.86 -5.26
CA THR E 228 -17.23 -11.57 -4.04
C THR E 228 -16.47 -10.64 -3.09
N LEU E 229 -15.59 -9.81 -3.62
CA LEU E 229 -14.87 -8.87 -2.77
C LEU E 229 -15.82 -7.89 -2.10
N LEU E 230 -16.79 -7.37 -2.84
CA LEU E 230 -17.70 -6.38 -2.26
C LEU E 230 -18.65 -7.01 -1.24
N VAL E 231 -19.08 -8.24 -1.48
CA VAL E 231 -20.09 -8.86 -0.62
C VAL E 231 -19.42 -9.51 0.59
N GLU E 232 -18.54 -10.48 0.35
CA GLU E 232 -17.87 -11.21 1.43
C GLU E 232 -16.53 -10.54 1.73
N THR E 233 -16.62 -9.34 2.29
CA THR E 233 -15.42 -8.59 2.63
C THR E 233 -14.62 -9.29 3.72
N PHE E 234 -15.29 -9.80 4.74
CA PHE E 234 -14.62 -10.54 5.79
C PHE E 234 -14.32 -11.96 5.32
N PHE E 235 -13.22 -12.52 5.82
CA PHE E 235 -12.58 -13.73 5.31
C PHE E 235 -12.66 -13.78 3.78
N PRO E 236 -12.08 -12.81 3.08
CA PRO E 236 -12.28 -12.73 1.63
C PRO E 236 -11.37 -13.66 0.85
N GLU E 237 -10.19 -13.96 1.41
CA GLU E 237 -9.19 -14.77 0.73
C GLU E 237 -9.25 -16.18 1.32
N ARG E 238 -9.83 -17.10 0.56
CA ARG E 238 -9.88 -18.52 0.88
C ARG E 238 -9.42 -19.33 -0.31
N ARG E 239 -8.24 -18.97 -0.83
CA ARG E 239 -7.67 -19.51 -2.07
C ARG E 239 -8.68 -19.46 -3.20
N TYR E 240 -9.47 -18.38 -3.25
CA TYR E 240 -10.39 -18.17 -4.36
C TYR E 240 -9.65 -18.00 -5.68
N PHE E 241 -8.41 -17.53 -5.66
CA PHE E 241 -7.65 -17.40 -6.89
C PHE E 241 -7.42 -18.76 -7.54
N TYR E 242 -7.10 -19.77 -6.74
CA TYR E 242 -6.88 -21.12 -7.26
C TYR E 242 -8.13 -21.66 -7.95
N TRP E 243 -9.28 -21.58 -7.27
CA TRP E 243 -10.52 -22.08 -7.86
C TRP E 243 -10.93 -21.26 -9.08
N TYR E 244 -10.75 -19.94 -9.02
CA TYR E 244 -11.12 -19.10 -10.15
C TYR E 244 -10.27 -19.40 -11.37
N THR E 245 -8.95 -19.59 -11.18
CA THR E 245 -8.11 -19.98 -12.30
C THR E 245 -8.55 -21.33 -12.86
N ILE E 246 -8.85 -22.29 -11.99
CA ILE E 246 -9.28 -23.60 -12.46
C ILE E 246 -10.54 -23.47 -13.31
N ILE E 247 -11.55 -22.78 -12.80
CA ILE E 247 -12.82 -22.72 -13.52
C ILE E 247 -12.66 -21.95 -14.83
N GLY E 248 -11.92 -20.83 -14.80
CA GLY E 248 -11.77 -20.01 -15.99
C GLY E 248 -11.00 -20.70 -17.10
N TRP E 249 -9.92 -21.41 -16.75
CA TRP E 249 -9.09 -22.05 -17.76
C TRP E 249 -9.46 -23.51 -18.00
N GLY E 250 -10.45 -24.04 -17.29
CA GLY E 250 -10.80 -25.44 -17.50
C GLY E 250 -12.23 -25.67 -17.93
N THR E 251 -13.15 -24.77 -17.58
CA THR E 251 -14.53 -24.91 -18.06
C THR E 251 -14.61 -24.86 -19.59
N PRO E 252 -13.92 -23.97 -20.30
CA PRO E 252 -13.92 -24.05 -21.77
C PRO E 252 -13.38 -25.38 -22.28
N THR E 253 -12.43 -26.00 -21.58
CA THR E 253 -11.87 -27.26 -22.04
C THR E 253 -12.95 -28.33 -22.14
N VAL E 254 -13.80 -28.43 -21.11
CA VAL E 254 -14.84 -29.45 -21.09
C VAL E 254 -15.80 -29.24 -22.26
N CYS E 255 -16.24 -27.99 -22.47
CA CYS E 255 -17.22 -27.73 -23.51
C CYS E 255 -16.63 -27.98 -24.90
N VAL E 256 -15.38 -27.54 -25.14
CA VAL E 256 -14.80 -27.76 -26.46
C VAL E 256 -14.54 -29.24 -26.71
N THR E 257 -14.14 -29.99 -25.68
CA THR E 257 -13.93 -31.42 -25.86
C THR E 257 -15.25 -32.14 -26.17
N VAL E 258 -16.32 -31.78 -25.44
CA VAL E 258 -17.62 -32.39 -25.71
C VAL E 258 -18.08 -32.05 -27.12
N TRP E 259 -17.92 -30.79 -27.52
CA TRP E 259 -18.34 -30.37 -28.85
C TRP E 259 -17.54 -31.10 -29.93
N ALA E 260 -16.23 -31.22 -29.75
CA ALA E 260 -15.40 -31.91 -30.72
C ALA E 260 -15.77 -33.39 -30.83
N THR E 261 -16.00 -34.04 -29.68
CA THR E 261 -16.40 -35.44 -29.72
C THR E 261 -17.74 -35.61 -30.42
N LEU E 262 -18.70 -34.73 -30.14
CA LEU E 262 -19.99 -34.80 -30.80
C LEU E 262 -19.85 -34.60 -32.30
N ARG E 263 -19.01 -33.65 -32.71
CA ARG E 263 -18.78 -33.42 -34.13
C ARG E 263 -18.16 -34.65 -34.79
N LEU E 264 -17.19 -35.27 -34.11
CA LEU E 264 -16.51 -36.43 -34.67
C LEU E 264 -17.49 -37.59 -34.86
N TYR E 265 -18.34 -37.86 -33.86
CA TYR E 265 -19.23 -39.00 -33.98
C TYR E 265 -20.39 -38.73 -34.93
N PHE E 266 -20.99 -37.54 -34.86
CA PHE E 266 -22.25 -37.33 -35.58
C PHE E 266 -22.13 -36.43 -36.80
N ASP E 267 -21.55 -35.23 -36.68
CA ASP E 267 -21.50 -34.29 -37.80
C ASP E 267 -20.05 -33.88 -38.07
N ASP E 268 -19.37 -34.66 -38.90
CA ASP E 268 -18.00 -34.35 -39.32
C ASP E 268 -18.01 -33.87 -40.78
N THR E 269 -18.65 -32.72 -40.98
CA THR E 269 -18.80 -32.14 -42.31
C THR E 269 -17.85 -30.96 -42.45
N GLY E 270 -17.01 -31.01 -43.49
CA GLY E 270 -16.09 -29.93 -43.76
C GLY E 270 -15.07 -29.76 -42.65
N CYS E 271 -14.64 -28.51 -42.48
CA CYS E 271 -13.66 -28.14 -41.46
C CYS E 271 -14.33 -27.66 -40.18
N TRP E 272 -15.55 -28.12 -39.91
CA TRP E 272 -16.25 -27.78 -38.68
C TRP E 272 -16.44 -26.27 -38.54
N ASP E 273 -16.53 -25.57 -39.67
CA ASP E 273 -16.71 -24.13 -39.68
C ASP E 273 -18.15 -23.71 -39.92
N MET E 274 -19.09 -24.65 -39.95
CA MET E 274 -20.50 -24.34 -40.11
C MET E 274 -21.29 -25.00 -38.99
N ASN E 275 -22.44 -24.41 -38.68
CA ASN E 275 -23.22 -24.77 -37.50
C ASN E 275 -24.66 -25.10 -37.92
N ASP E 276 -24.79 -25.95 -38.95
CA ASP E 276 -26.12 -26.36 -39.41
C ASP E 276 -26.89 -27.06 -38.31
N SER E 277 -26.24 -27.95 -37.56
CA SER E 277 -26.87 -28.63 -36.44
C SER E 277 -26.99 -27.66 -35.28
N THR E 278 -28.22 -27.28 -34.93
CA THR E 278 -28.42 -26.25 -33.92
C THR E 278 -27.97 -26.69 -32.54
N ALA E 279 -28.19 -27.97 -32.21
CA ALA E 279 -27.85 -28.46 -30.88
C ALA E 279 -26.34 -28.42 -30.64
N LEU E 280 -25.56 -28.84 -31.65
CA LEU E 280 -24.11 -28.87 -31.48
C LEU E 280 -23.54 -27.47 -31.39
N TRP E 281 -24.12 -26.51 -32.11
CA TRP E 281 -23.75 -25.11 -31.93
C TRP E 281 -24.12 -24.62 -30.54
N TRP E 282 -25.32 -24.99 -30.07
CA TRP E 282 -25.77 -24.54 -28.76
C TRP E 282 -24.90 -25.10 -27.66
N VAL E 283 -24.27 -26.25 -27.88
CA VAL E 283 -23.35 -26.80 -26.88
C VAL E 283 -22.27 -25.78 -26.54
N ILE E 284 -21.71 -25.14 -27.57
CA ILE E 284 -20.72 -24.08 -27.34
C ILE E 284 -21.40 -22.80 -26.87
N LYS E 285 -22.53 -22.45 -27.49
CA LYS E 285 -23.11 -21.12 -27.30
C LYS E 285 -23.78 -20.93 -25.95
N GLY E 286 -24.25 -22.00 -25.30
CA GLY E 286 -24.97 -21.90 -24.06
C GLY E 286 -24.18 -21.35 -22.89
N PRO E 287 -22.99 -21.90 -22.63
CA PRO E 287 -22.16 -21.34 -21.56
C PRO E 287 -21.81 -19.88 -21.78
N VAL E 288 -21.64 -19.45 -23.03
CA VAL E 288 -21.28 -18.07 -23.30
C VAL E 288 -22.41 -17.14 -22.88
N VAL E 289 -23.64 -17.42 -23.32
CA VAL E 289 -24.76 -16.56 -22.97
C VAL E 289 -25.07 -16.64 -21.48
N GLY E 290 -24.89 -17.81 -20.89
CA GLY E 290 -25.05 -17.92 -19.45
C GLY E 290 -24.08 -17.04 -18.69
N SER E 291 -22.81 -17.05 -19.10
CA SER E 291 -21.82 -16.18 -18.47
C SER E 291 -22.18 -14.72 -18.67
N ILE E 292 -22.65 -14.36 -19.86
CA ILE E 292 -23.02 -12.97 -20.13
C ILE E 292 -24.15 -12.53 -19.19
N MET E 293 -25.19 -13.35 -19.05
CA MET E 293 -26.32 -12.93 -18.23
C MET E 293 -25.95 -12.89 -16.75
N VAL E 294 -25.17 -13.87 -16.27
CA VAL E 294 -24.75 -13.84 -14.88
C VAL E 294 -23.85 -12.64 -14.61
N ASN E 295 -22.97 -12.32 -15.56
CA ASN E 295 -22.13 -11.14 -15.40
C ASN E 295 -22.95 -9.86 -15.38
N PHE E 296 -24.01 -9.79 -16.18
CA PHE E 296 -24.90 -8.63 -16.12
C PHE E 296 -25.57 -8.52 -14.76
N VAL E 297 -26.02 -9.64 -14.20
CA VAL E 297 -26.63 -9.61 -12.87
C VAL E 297 -25.63 -9.11 -11.82
N LEU E 298 -24.39 -9.62 -11.89
CA LEU E 298 -23.37 -9.19 -10.94
C LEU E 298 -23.04 -7.72 -11.12
N PHE E 299 -23.04 -7.24 -12.37
CA PHE E 299 -22.83 -5.82 -12.63
C PHE E 299 -23.92 -4.97 -12.01
N ILE E 300 -25.18 -5.43 -12.10
CA ILE E 300 -26.28 -4.72 -11.47
C ILE E 300 -26.08 -4.66 -9.96
N GLY E 301 -25.70 -5.79 -9.35
CA GLY E 301 -25.47 -5.81 -7.92
C GLY E 301 -24.35 -4.87 -7.49
N ILE E 302 -23.25 -4.85 -8.25
CA ILE E 302 -22.14 -3.95 -7.96
C ILE E 302 -22.58 -2.51 -8.08
N ILE E 303 -23.40 -2.18 -9.09
CA ILE E 303 -23.91 -0.82 -9.23
C ILE E 303 -24.78 -0.45 -8.03
N VAL E 304 -25.58 -1.39 -7.54
CA VAL E 304 -26.43 -1.11 -6.38
C VAL E 304 -25.56 -0.80 -5.16
N ILE E 305 -24.54 -1.62 -4.91
CA ILE E 305 -23.66 -1.37 -3.77
C ILE E 305 -22.95 -0.03 -3.93
N LEU E 306 -22.49 0.27 -5.14
CA LEU E 306 -21.77 1.52 -5.38
C LEU E 306 -22.66 2.72 -5.15
N VAL E 307 -23.91 2.67 -5.61
CA VAL E 307 -24.80 3.82 -5.43
C VAL E 307 -25.19 3.96 -3.96
N GLN E 308 -25.29 2.85 -3.23
CA GLN E 308 -25.50 2.95 -1.79
C GLN E 308 -24.31 3.63 -1.11
N LYS E 309 -23.08 3.32 -1.55
CA LYS E 309 -21.92 3.99 -1.00
C LYS E 309 -21.91 5.47 -1.33
N LEU E 310 -22.28 5.83 -2.56
CA LEU E 310 -22.21 7.23 -2.98
C LEU E 310 -23.19 8.10 -2.22
N GLN E 311 -24.41 7.62 -1.99
CA GLN E 311 -25.45 8.40 -1.35
C GLN E 311 -25.39 8.34 0.17
N SER E 312 -24.25 7.96 0.73
CA SER E 312 -24.12 7.91 2.17
C SER E 312 -24.21 9.32 2.76
N PRO E 313 -24.76 9.48 3.97
CA PRO E 313 -24.96 10.82 4.52
C PRO E 313 -23.67 11.61 4.71
N SER E 321 -23.17 15.58 -8.54
CA SER E 321 -21.91 14.90 -8.28
C SER E 321 -22.09 13.38 -8.23
N ILE E 322 -23.14 12.92 -7.53
CA ILE E 322 -23.34 11.49 -7.40
C ILE E 322 -23.73 10.87 -8.74
N TYR E 323 -24.56 11.56 -9.52
CA TYR E 323 -24.90 11.03 -10.84
C TYR E 323 -23.68 10.99 -11.76
N LEU E 324 -22.84 12.03 -11.74
CA LEU E 324 -21.65 12.01 -12.58
C LEU E 324 -20.70 10.90 -12.16
N ARG E 325 -20.50 10.72 -10.85
CA ARG E 325 -19.60 9.68 -10.38
C ARG E 325 -20.14 8.29 -10.74
N LEU E 326 -21.45 8.07 -10.56
CA LEU E 326 -22.04 6.79 -10.93
C LEU E 326 -21.92 6.53 -12.42
N ALA E 327 -22.15 7.55 -13.26
CA ALA E 327 -22.02 7.37 -14.70
C ALA E 327 -20.58 7.04 -15.08
N ARG E 328 -19.61 7.73 -14.48
CA ARG E 328 -18.22 7.44 -14.78
C ARG E 328 -17.85 6.02 -14.35
N SER E 329 -18.30 5.59 -13.17
CA SER E 329 -18.00 4.24 -12.71
C SER E 329 -18.62 3.20 -13.63
N THR E 330 -19.87 3.43 -14.06
CA THR E 330 -20.52 2.50 -14.98
C THR E 330 -19.78 2.44 -16.31
N LEU E 331 -19.34 3.59 -16.82
CA LEU E 331 -18.62 3.61 -18.08
C LEU E 331 -17.29 2.88 -17.97
N LEU E 332 -16.63 2.96 -16.81
CA LEU E 332 -15.42 2.17 -16.62
C LEU E 332 -15.73 0.68 -16.46
N LEU E 333 -16.87 0.34 -15.87
CA LEU E 333 -17.18 -1.08 -15.64
C LEU E 333 -17.64 -1.79 -16.90
N ILE E 334 -18.26 -1.08 -17.84
CA ILE E 334 -18.81 -1.75 -19.03
C ILE E 334 -17.77 -2.53 -19.81
N PRO E 335 -16.62 -1.96 -20.20
CA PRO E 335 -15.66 -2.76 -20.97
C PRO E 335 -15.06 -3.91 -20.18
N LEU E 336 -14.95 -3.78 -18.86
CA LEU E 336 -14.33 -4.84 -18.07
C LEU E 336 -15.20 -6.08 -18.02
N PHE E 337 -16.52 -5.91 -17.90
CA PHE E 337 -17.44 -7.03 -17.79
C PHE E 337 -18.05 -7.42 -19.12
N GLY E 338 -17.77 -6.69 -20.19
CA GLY E 338 -18.34 -7.00 -21.49
C GLY E 338 -19.86 -6.87 -21.49
N ILE E 339 -20.35 -5.78 -20.91
CA ILE E 339 -21.80 -5.57 -20.82
C ILE E 339 -22.41 -5.39 -22.20
N HIS E 340 -21.63 -4.90 -23.17
CA HIS E 340 -22.16 -4.69 -24.52
C HIS E 340 -22.61 -5.99 -25.18
N TYR E 341 -22.17 -7.14 -24.67
CA TYR E 341 -22.64 -8.41 -25.21
C TYR E 341 -24.10 -8.69 -24.84
N THR E 342 -24.64 -7.99 -23.85
CA THR E 342 -26.01 -8.27 -23.42
C THR E 342 -27.04 -7.73 -24.40
N VAL E 343 -26.65 -6.79 -25.27
CA VAL E 343 -27.61 -6.17 -26.17
C VAL E 343 -28.18 -7.19 -27.14
N PHE E 344 -27.31 -7.98 -27.77
CA PHE E 344 -27.72 -8.93 -28.78
C PHE E 344 -27.66 -10.38 -28.31
N ALA E 345 -27.44 -10.61 -27.01
CA ALA E 345 -27.21 -11.97 -26.53
C ALA E 345 -28.44 -12.86 -26.73
N PHE E 346 -29.62 -12.35 -26.41
CA PHE E 346 -30.83 -13.16 -26.45
C PHE E 346 -31.58 -13.05 -27.77
N SER E 347 -31.18 -12.16 -28.67
CA SER E 347 -31.82 -12.10 -29.97
C SER E 347 -31.36 -13.27 -30.84
N PRO E 348 -32.23 -13.79 -31.70
CA PRO E 348 -31.83 -14.88 -32.60
C PRO E 348 -30.79 -14.40 -33.61
N GLU E 349 -29.99 -15.35 -34.10
CA GLU E 349 -28.95 -15.02 -35.06
C GLU E 349 -29.52 -14.48 -36.35
N ASN E 350 -30.68 -14.98 -36.78
CA ASN E 350 -31.28 -14.48 -38.01
C ASN E 350 -31.70 -13.03 -37.89
N VAL E 351 -32.21 -12.64 -36.72
CA VAL E 351 -32.76 -11.30 -36.52
C VAL E 351 -31.61 -10.30 -36.51
N SER E 352 -31.48 -9.53 -37.58
CA SER E 352 -30.49 -8.45 -37.70
C SER E 352 -29.07 -8.97 -37.43
N LYS E 353 -28.65 -9.92 -38.27
CA LYS E 353 -27.29 -10.42 -38.18
C LYS E 353 -26.27 -9.38 -38.63
N ARG E 354 -26.63 -8.55 -39.62
CA ARG E 354 -25.66 -7.58 -40.16
C ARG E 354 -25.15 -6.64 -39.07
N GLU E 355 -26.05 -5.88 -38.45
CA GLU E 355 -25.66 -4.95 -37.40
C GLU E 355 -25.10 -5.65 -36.17
N ARG E 356 -25.63 -6.83 -35.82
CA ARG E 356 -25.07 -7.60 -34.73
C ARG E 356 -23.58 -7.85 -34.94
N LEU E 357 -23.22 -8.40 -36.11
CA LEU E 357 -21.82 -8.68 -36.38
C LEU E 357 -21.01 -7.39 -36.45
N VAL E 358 -21.52 -6.36 -37.12
CA VAL E 358 -20.77 -5.12 -37.24
C VAL E 358 -20.45 -4.57 -35.87
N PHE E 359 -21.45 -4.45 -35.01
CA PHE E 359 -21.23 -3.93 -33.66
C PHE E 359 -20.26 -4.81 -32.88
N GLU E 360 -20.62 -6.08 -32.68
CA GLU E 360 -19.88 -6.93 -31.75
C GLU E 360 -18.48 -7.27 -32.27
N LEU E 361 -18.21 -7.04 -33.55
CA LEU E 361 -16.87 -7.28 -34.05
C LEU E 361 -16.08 -5.99 -34.23
N GLY E 362 -16.56 -5.07 -35.04
CA GLY E 362 -15.82 -3.84 -35.26
C GLY E 362 -15.64 -3.04 -34.00
N LEU E 363 -16.68 -2.92 -33.19
CA LEU E 363 -16.60 -2.19 -31.94
C LEU E 363 -16.33 -3.11 -30.75
N GLY E 364 -16.37 -4.43 -30.96
CA GLY E 364 -16.04 -5.40 -29.93
C GLY E 364 -14.64 -5.94 -29.98
N SER E 365 -13.91 -5.70 -31.06
CA SER E 365 -12.52 -6.12 -31.14
C SER E 365 -11.57 -5.16 -30.44
N PHE E 366 -12.03 -3.94 -30.15
CA PHE E 366 -11.23 -2.98 -29.41
C PHE E 366 -11.45 -3.10 -27.91
N GLN E 367 -12.21 -4.09 -27.44
CA GLN E 367 -12.43 -4.25 -26.01
C GLN E 367 -11.12 -4.52 -25.28
N GLY E 368 -10.24 -5.32 -25.86
CA GLY E 368 -8.95 -5.55 -25.24
C GLY E 368 -8.14 -4.27 -25.10
N PHE E 369 -8.10 -3.46 -26.16
CA PHE E 369 -7.38 -2.20 -26.10
C PHE E 369 -8.00 -1.27 -25.06
N VAL E 370 -9.32 -1.23 -24.98
CA VAL E 370 -9.99 -0.34 -24.04
C VAL E 370 -9.71 -0.77 -22.59
N VAL E 371 -9.81 -2.07 -22.31
CA VAL E 371 -9.55 -2.51 -20.95
C VAL E 371 -8.07 -2.36 -20.60
N ALA E 372 -7.18 -2.46 -21.59
CA ALA E 372 -5.76 -2.25 -21.31
C ALA E 372 -5.49 -0.79 -20.98
N VAL E 373 -6.03 0.13 -21.78
CA VAL E 373 -5.76 1.55 -21.54
C VAL E 373 -6.45 2.04 -20.27
N LEU E 374 -7.62 1.48 -19.95
CA LEU E 374 -8.38 1.97 -18.80
C LEU E 374 -7.79 1.48 -17.48
N TYR E 375 -7.30 0.24 -17.45
CA TYR E 375 -6.91 -0.39 -16.19
C TYR E 375 -5.40 -0.50 -16.00
N CYS E 376 -4.61 -0.19 -17.02
CA CYS E 376 -3.15 -0.23 -16.88
C CYS E 376 -2.55 1.16 -17.05
N PHE E 377 -2.78 1.82 -18.19
CA PHE E 377 -2.10 3.09 -18.43
C PHE E 377 -2.73 4.23 -17.63
N LEU E 378 -4.05 4.23 -17.51
CA LEU E 378 -4.74 5.27 -16.77
C LEU E 378 -4.88 4.98 -15.29
N ASN E 379 -4.38 3.83 -14.83
CA ASN E 379 -4.45 3.50 -13.41
C ASN E 379 -3.55 4.44 -12.61
N GLY E 380 -4.04 4.88 -11.46
CA GLY E 380 -3.28 5.81 -10.64
C GLY E 380 -1.99 5.22 -10.11
N GLU E 381 -2.05 4.00 -9.59
CA GLU E 381 -0.85 3.36 -9.05
C GLU E 381 0.18 3.12 -10.15
N VAL E 382 -0.27 2.69 -11.32
CA VAL E 382 0.66 2.42 -12.41
C VAL E 382 1.32 3.71 -12.88
N GLN E 383 0.54 4.80 -12.97
CA GLN E 383 1.12 6.08 -13.36
C GLN E 383 2.14 6.56 -12.32
N ALA E 384 1.81 6.42 -11.03
CA ALA E 384 2.75 6.82 -9.99
C ALA E 384 4.04 6.01 -10.07
N GLU E 385 3.93 4.70 -10.27
CA GLU E 385 5.11 3.85 -10.40
C GLU E 385 5.93 4.24 -11.62
N ILE E 386 5.26 4.53 -12.73
CA ILE E 386 5.96 4.88 -13.97
C ILE E 386 6.73 6.18 -13.78
N LYS E 387 6.08 7.19 -13.20
CA LYS E 387 6.76 8.47 -13.01
C LYS E 387 7.88 8.36 -11.99
N ARG E 388 7.70 7.55 -10.95
CA ARG E 388 8.78 7.34 -9.98
C ARG E 388 9.98 6.67 -10.63
N LYS E 389 9.73 5.65 -11.45
CA LYS E 389 10.82 4.97 -12.14
C LYS E 389 11.51 5.90 -13.13
N TRP E 390 10.74 6.74 -13.82
CA TRP E 390 11.33 7.69 -14.76
C TRP E 390 12.20 8.70 -14.02
N ARG E 391 11.75 9.17 -12.86
CA ARG E 391 12.56 10.08 -12.06
C ARG E 391 13.83 9.38 -11.57
N SER E 392 13.72 8.11 -11.19
CA SER E 392 14.90 7.36 -10.77
C SER E 392 15.91 7.23 -11.91
N TRP E 393 15.43 6.97 -13.12
CA TRP E 393 16.31 6.83 -14.27
C TRP E 393 17.00 8.16 -14.60
N GLN F 12 29.25 -27.43 1.46
CA GLN F 12 29.06 -28.83 1.13
C GLN F 12 27.58 -29.16 0.91
N ARG F 13 27.32 -30.27 0.22
CA ARG F 13 25.96 -30.56 -0.25
C ARG F 13 25.00 -30.84 0.90
N ASN F 14 25.46 -31.58 1.91
CA ASN F 14 24.57 -31.92 3.03
C ASN F 14 24.15 -30.68 3.80
N GLU F 15 25.07 -29.74 3.99
CA GLU F 15 24.71 -28.48 4.65
C GLU F 15 23.64 -27.72 3.86
N GLU F 16 23.79 -27.67 2.53
CA GLU F 16 22.79 -27.01 1.71
C GLU F 16 21.46 -27.72 1.78
N LYS F 17 21.46 -29.04 1.81
CA LYS F 17 20.22 -29.80 1.95
C LYS F 17 19.54 -29.51 3.28
N ALA F 18 20.34 -29.44 4.35
CA ALA F 18 19.78 -29.14 5.67
C ALA F 18 19.16 -27.74 5.69
N GLN F 19 19.86 -26.75 5.13
CA GLN F 19 19.31 -25.41 5.10
C GLN F 19 18.06 -25.32 4.24
N ARG F 20 18.03 -26.05 3.12
CA ARG F 20 16.84 -26.07 2.29
C ARG F 20 15.66 -26.69 3.02
N GLU F 21 15.89 -27.78 3.74
CA GLU F 21 14.82 -28.40 4.52
C GLU F 21 14.30 -27.45 5.60
N ALA F 22 15.21 -26.79 6.31
CA ALA F 22 14.80 -25.84 7.34
C ALA F 22 14.01 -24.68 6.73
N ASN F 23 14.46 -24.18 5.58
CA ASN F 23 13.75 -23.11 4.90
C ASN F 23 12.35 -23.55 4.48
N LYS F 24 12.22 -24.78 3.97
CA LYS F 24 10.92 -25.27 3.57
C LYS F 24 9.96 -25.38 4.76
N LYS F 25 10.46 -25.91 5.88
CA LYS F 25 9.62 -26.00 7.08
C LYS F 25 9.20 -24.62 7.56
N ILE F 26 10.15 -23.68 7.61
CA ILE F 26 9.84 -22.34 8.06
C ILE F 26 8.85 -21.67 7.12
N GLU F 27 8.98 -21.92 5.82
CA GLU F 27 8.06 -21.32 4.86
C GLU F 27 6.66 -21.89 5.01
N LYS F 28 6.53 -23.18 5.28
CA LYS F 28 5.22 -23.76 5.55
C LYS F 28 4.58 -23.12 6.77
N GLN F 29 5.35 -23.00 7.85
CA GLN F 29 4.82 -22.37 9.06
C GLN F 29 4.44 -20.92 8.81
N LEU F 30 5.24 -20.21 8.01
CA LEU F 30 4.92 -18.83 7.66
C LEU F 30 3.67 -18.73 6.81
N GLN F 31 3.43 -19.71 5.94
CA GLN F 31 2.18 -19.72 5.18
C GLN F 31 0.97 -19.89 6.10
N LYS F 32 1.06 -20.80 7.07
CA LYS F 32 -0.03 -20.94 8.02
C LYS F 32 -0.23 -19.65 8.82
N ASP F 33 0.86 -19.03 9.25
CA ASP F 33 0.76 -17.78 10.00
C ASP F 33 0.17 -16.67 9.13
N LYS F 34 0.48 -16.66 7.83
CA LYS F 34 -0.12 -15.67 6.94
C LYS F 34 -1.62 -15.89 6.81
N GLN F 35 -2.05 -17.14 6.67
CA GLN F 35 -3.47 -17.43 6.61
C GLN F 35 -4.19 -16.99 7.88
N VAL F 36 -3.58 -17.19 9.04
CA VAL F 36 -4.19 -16.74 10.28
C VAL F 36 -4.19 -15.21 10.37
N TYR F 37 -3.09 -14.58 9.98
CA TYR F 37 -2.93 -13.13 10.13
C TYR F 37 -3.88 -12.36 9.23
N ARG F 38 -4.07 -12.82 7.99
CA ARG F 38 -4.92 -12.10 7.06
C ARG F 38 -6.38 -12.10 7.49
N ALA F 39 -6.79 -13.05 8.34
CA ALA F 39 -8.20 -13.14 8.73
C ALA F 39 -8.56 -12.07 9.76
N THR F 40 -7.65 -11.76 10.68
CA THR F 40 -7.96 -10.85 11.77
C THR F 40 -7.81 -9.39 11.33
N HIS F 41 -8.59 -8.53 11.96
CA HIS F 41 -8.53 -7.09 11.73
C HIS F 41 -8.08 -6.42 13.01
N ARG F 42 -7.11 -5.51 12.88
CA ARG F 42 -6.51 -4.83 14.02
C ARG F 42 -7.15 -3.47 14.20
N LEU F 43 -7.56 -3.17 15.43
CA LEU F 43 -8.18 -1.90 15.78
C LEU F 43 -7.41 -1.26 16.92
N LEU F 44 -7.18 0.04 16.82
CA LEU F 44 -6.50 0.80 17.87
C LEU F 44 -7.55 1.58 18.66
N LEU F 45 -7.69 1.26 19.94
CA LEU F 45 -8.62 1.97 20.81
C LEU F 45 -7.88 3.15 21.45
N LEU F 46 -8.29 4.35 21.10
CA LEU F 46 -7.64 5.57 21.56
C LEU F 46 -8.64 6.46 22.26
N GLY F 47 -8.18 7.14 23.30
CA GLY F 47 -9.05 8.01 24.08
C GLY F 47 -8.31 8.56 25.27
N ALA F 48 -9.08 9.19 26.15
CA ALA F 48 -8.56 9.80 27.37
C ALA F 48 -9.05 9.05 28.60
N GLY F 49 -8.55 9.48 29.76
CA GLY F 49 -8.98 8.84 31.00
C GLY F 49 -10.45 9.06 31.30
N GLU F 50 -10.96 10.27 31.03
CA GLU F 50 -12.36 10.57 31.25
C GLU F 50 -13.27 10.03 30.16
N SER F 51 -12.70 9.51 29.07
CA SER F 51 -13.50 9.03 27.96
C SER F 51 -14.33 7.80 28.31
N GLY F 52 -13.96 7.07 29.35
CA GLY F 52 -14.71 5.89 29.73
C GLY F 52 -14.48 4.70 28.82
N LYS F 53 -13.36 4.65 28.12
CA LYS F 53 -13.08 3.51 27.25
C LYS F 53 -12.90 2.22 28.05
N ASN F 54 -12.55 2.34 29.32
CA ASN F 54 -12.38 1.15 30.16
C ASN F 54 -13.69 0.39 30.31
N THR F 55 -14.80 1.12 30.46
CA THR F 55 -16.10 0.46 30.50
C THR F 55 -16.41 -0.23 29.17
N ILE F 56 -16.03 0.39 28.06
CA ILE F 56 -16.23 -0.23 26.76
C ILE F 56 -15.44 -1.54 26.67
N VAL F 57 -14.20 -1.53 27.14
CA VAL F 57 -13.40 -2.75 27.13
C VAL F 57 -14.02 -3.82 28.03
N LYS F 58 -14.48 -3.42 29.22
CA LYS F 58 -15.12 -4.38 30.12
C LYS F 58 -16.39 -4.95 29.53
N GLN F 59 -17.10 -4.18 28.70
CA GLN F 59 -18.30 -4.70 28.06
C GLN F 59 -17.97 -5.81 27.06
N MET F 60 -16.83 -5.72 26.39
CA MET F 60 -16.43 -6.73 25.44
C MET F 60 -15.23 -7.52 25.95
N SER F 205 1.62 -3.91 32.78
CA SER F 205 1.89 -4.09 31.36
C SER F 205 2.07 -2.75 30.67
N GLY F 206 2.42 -2.79 29.38
CA GLY F 206 2.61 -1.58 28.62
C GLY F 206 1.57 -1.39 27.54
N ILE F 207 0.99 -2.50 27.08
CA ILE F 207 -0.07 -2.46 26.08
C ILE F 207 -1.06 -3.58 26.39
N PHE F 208 -2.35 -3.29 26.27
CA PHE F 208 -3.39 -4.26 26.52
C PHE F 208 -4.11 -4.59 25.23
N GLU F 209 -4.41 -5.88 25.04
CA GLU F 209 -5.10 -6.34 23.84
C GLU F 209 -6.31 -7.17 24.26
N THR F 210 -7.35 -7.13 23.43
CA THR F 210 -8.54 -7.93 23.65
C THR F 210 -8.96 -8.57 22.33
N LYS F 211 -9.52 -9.77 22.43
CA LYS F 211 -9.98 -10.53 21.27
C LYS F 211 -11.47 -10.74 21.39
N PHE F 212 -12.21 -10.31 20.37
CA PHE F 212 -13.65 -10.52 20.33
C PHE F 212 -14.07 -10.85 18.91
N GLN F 213 -15.10 -11.68 18.79
CA GLN F 213 -15.60 -12.14 17.50
C GLN F 213 -17.01 -11.64 17.29
N VAL F 214 -17.28 -11.09 16.11
CA VAL F 214 -18.61 -10.66 15.70
C VAL F 214 -18.95 -11.41 14.41
N ASP F 215 -19.97 -12.26 14.47
CA ASP F 215 -20.38 -13.09 13.34
C ASP F 215 -19.21 -13.88 12.78
N LYS F 216 -18.48 -14.55 13.68
CA LYS F 216 -17.37 -15.42 13.33
C LYS F 216 -16.29 -14.68 12.55
N VAL F 217 -16.06 -13.41 12.93
CA VAL F 217 -14.98 -12.60 12.37
C VAL F 217 -14.12 -12.13 13.53
N ASN F 218 -12.81 -12.33 13.41
CA ASN F 218 -11.87 -12.04 14.50
C ASN F 218 -11.40 -10.60 14.42
N PHE F 219 -11.57 -9.87 15.52
CA PHE F 219 -11.09 -8.51 15.66
C PHE F 219 -10.05 -8.45 16.77
N HIS F 220 -9.10 -7.54 16.64
CA HIS F 220 -7.98 -7.42 17.57
C HIS F 220 -7.86 -5.95 17.97
N MET F 221 -8.25 -5.62 19.20
CA MET F 221 -8.24 -4.25 19.68
C MET F 221 -7.10 -4.07 20.67
N PHE F 222 -6.31 -3.02 20.47
CA PHE F 222 -5.10 -2.76 21.26
C PHE F 222 -5.27 -1.46 22.04
N ASP F 223 -5.55 -1.57 23.33
CA ASP F 223 -5.57 -0.41 24.20
C ASP F 223 -4.15 0.13 24.37
N VAL F 224 -4.04 1.45 24.56
CA VAL F 224 -2.72 2.08 24.62
C VAL F 224 -1.91 1.54 25.78
N GLY F 225 -2.52 1.43 26.95
CA GLY F 225 -1.82 0.91 28.10
C GLY F 225 -0.96 1.95 28.80
N ALA F 226 0.01 1.45 29.57
CA ALA F 226 0.85 2.30 30.42
C ALA F 226 2.02 2.86 29.61
N GLN F 227 1.72 3.86 28.81
CA GLN F 227 2.71 4.63 28.08
C GLN F 227 2.71 6.07 28.59
N ARG F 228 3.60 6.88 28.04
CA ARG F 228 3.63 8.29 28.38
C ARG F 228 2.54 9.04 27.63
N ASP F 229 2.40 10.33 27.93
CA ASP F 229 1.41 11.17 27.28
C ASP F 229 1.86 11.71 25.93
N GLU F 230 3.08 11.39 25.51
CA GLU F 230 3.60 11.85 24.22
C GLU F 230 3.41 10.75 23.20
N ARG F 231 2.48 10.96 22.26
CA ARG F 231 2.12 9.97 21.26
C ARG F 231 2.77 10.21 19.91
N ARG F 232 3.75 11.12 19.84
CA ARG F 232 4.30 11.53 18.55
C ARG F 232 4.96 10.36 17.83
N LYS F 233 5.69 9.52 18.57
CA LYS F 233 6.50 8.49 17.94
C LYS F 233 5.79 7.14 17.84
N TRP F 234 5.13 6.70 18.92
CA TRP F 234 4.56 5.35 18.91
C TRP F 234 3.25 5.28 18.15
N ILE F 235 2.66 6.41 17.77
CA ILE F 235 1.43 6.37 16.99
C ILE F 235 1.68 5.89 15.57
N GLN F 236 2.93 5.95 15.09
CA GLN F 236 3.23 5.53 13.74
C GLN F 236 3.14 4.01 13.57
N CYS F 237 3.26 3.26 14.65
CA CYS F 237 3.17 1.81 14.56
C CYS F 237 1.77 1.33 14.18
N PHE F 238 0.75 2.17 14.34
CA PHE F 238 -0.62 1.80 14.06
C PHE F 238 -1.13 2.36 12.74
N ASN F 239 -0.26 2.47 11.73
CA ASN F 239 -0.68 2.98 10.44
C ASN F 239 -1.30 1.92 9.55
N ASP F 240 -1.23 0.65 9.94
CA ASP F 240 -1.79 -0.44 9.16
C ASP F 240 -3.09 -1.00 9.74
N VAL F 241 -3.57 -0.43 10.84
CA VAL F 241 -4.78 -0.94 11.47
C VAL F 241 -5.98 -0.65 10.58
N THR F 242 -7.03 -1.47 10.75
CA THR F 242 -8.25 -1.28 9.98
C THR F 242 -8.90 0.06 10.29
N ALA F 243 -8.99 0.40 11.57
CA ALA F 243 -9.61 1.65 11.99
C ALA F 243 -9.10 2.01 13.38
N ILE F 244 -9.29 3.28 13.74
CA ILE F 244 -8.92 3.78 15.05
C ILE F 244 -10.21 4.14 15.78
N ILE F 245 -10.49 3.42 16.86
CA ILE F 245 -11.71 3.67 17.63
C ILE F 245 -11.44 4.82 18.60
N PHE F 246 -11.77 6.03 18.17
CA PHE F 246 -11.54 7.23 18.98
C PHE F 246 -12.73 7.42 19.91
N VAL F 247 -12.48 7.30 21.21
CA VAL F 247 -13.52 7.44 22.23
C VAL F 247 -13.32 8.76 22.94
N VAL F 248 -14.36 9.59 22.96
CA VAL F 248 -14.32 10.90 23.59
C VAL F 248 -15.54 11.06 24.48
N ALA F 249 -15.34 11.67 25.65
CA ALA F 249 -16.44 11.98 26.55
C ALA F 249 -17.11 13.27 26.11
N SER F 250 -18.40 13.19 25.78
CA SER F 250 -19.14 14.31 25.25
C SER F 250 -19.80 15.15 26.33
N SER F 251 -19.57 14.83 27.60
CA SER F 251 -20.15 15.59 28.70
C SER F 251 -19.26 16.73 29.18
N SER F 252 -18.07 16.89 28.61
CA SER F 252 -17.16 17.95 29.02
C SER F 252 -17.01 19.01 27.95
N ASN F 264 -11.21 22.09 30.02
CA ASN F 264 -11.86 21.91 28.73
C ASN F 264 -11.27 20.69 28.04
N ARG F 265 -11.86 19.53 28.31
CA ARG F 265 -11.38 18.30 27.69
C ARG F 265 -11.81 18.16 26.24
N LEU F 266 -12.97 18.74 25.88
CA LEU F 266 -13.47 18.58 24.52
C LEU F 266 -12.55 19.25 23.50
N GLN F 267 -12.01 20.43 23.83
CA GLN F 267 -11.08 21.09 22.92
C GLN F 267 -9.81 20.27 22.76
N ALA F 268 -9.31 19.69 23.84
CA ALA F 268 -8.12 18.84 23.75
C ALA F 268 -8.40 17.63 22.88
N ALA F 269 -9.58 17.03 23.01
CA ALA F 269 -9.94 15.91 22.15
C ALA F 269 -10.03 16.33 20.69
N LEU F 270 -10.57 17.53 20.43
CA LEU F 270 -10.65 18.04 19.07
C LEU F 270 -9.26 18.23 18.48
N LYS F 271 -8.33 18.79 19.27
CA LYS F 271 -6.98 18.99 18.78
C LYS F 271 -6.29 17.64 18.52
N LEU F 272 -6.50 16.67 19.40
CA LEU F 272 -5.92 15.35 19.18
C LEU F 272 -6.48 14.71 17.91
N PHE F 273 -7.80 14.84 17.69
CA PHE F 273 -8.40 14.29 16.48
C PHE F 273 -7.85 14.97 15.24
N ASP F 274 -7.67 16.29 15.29
CA ASP F 274 -7.11 17.01 14.15
C ASP F 274 -5.68 16.55 13.87
N SER F 275 -4.88 16.36 14.92
CA SER F 275 -3.52 15.89 14.73
C SER F 275 -3.50 14.50 14.13
N ILE F 276 -4.39 13.61 14.58
CA ILE F 276 -4.46 12.26 14.02
C ILE F 276 -4.86 12.32 12.55
N TRP F 277 -5.87 13.13 12.23
CA TRP F 277 -6.42 13.14 10.87
C TRP F 277 -5.42 13.66 9.85
N ASN F 278 -4.52 14.56 10.25
CA ASN F 278 -3.59 15.19 9.33
C ASN F 278 -2.20 14.58 9.37
N ASN F 279 -2.03 13.46 10.06
CA ASN F 279 -0.73 12.81 10.10
C ASN F 279 -0.45 12.10 8.78
N LYS F 280 0.79 12.24 8.29
CA LYS F 280 1.14 11.66 6.99
C LYS F 280 1.06 10.14 7.02
N TRP F 281 1.54 9.52 8.11
CA TRP F 281 1.52 8.05 8.18
C TRP F 281 0.13 7.53 8.46
N LEU F 282 -0.72 8.35 9.08
CA LEU F 282 -2.09 7.97 9.40
C LEU F 282 -3.09 8.48 8.37
N ARG F 283 -2.62 8.98 7.23
CA ARG F 283 -3.53 9.52 6.22
C ARG F 283 -4.44 8.44 5.66
N ASP F 284 -3.92 7.24 5.45
CA ASP F 284 -4.73 6.18 4.88
C ASP F 284 -5.67 5.57 5.91
N THR F 285 -5.31 5.64 7.19
CA THR F 285 -6.10 5.00 8.24
C THR F 285 -7.38 5.79 8.50
N SER F 286 -8.48 5.06 8.67
CA SER F 286 -9.77 5.66 8.99
C SER F 286 -9.98 5.70 10.50
N VAL F 287 -10.93 6.53 10.93
CA VAL F 287 -11.19 6.77 12.34
C VAL F 287 -12.65 6.52 12.62
N ILE F 288 -12.93 5.74 13.66
CA ILE F 288 -14.29 5.55 14.17
C ILE F 288 -14.45 6.38 15.42
N LEU F 289 -15.48 7.21 15.46
CA LEU F 289 -15.66 8.19 16.52
C LEU F 289 -16.81 7.78 17.42
N PHE F 290 -16.55 7.69 18.72
CA PHE F 290 -17.56 7.37 19.73
C PHE F 290 -17.72 8.58 20.62
N LEU F 291 -18.90 9.21 20.57
CA LEU F 291 -19.21 10.35 21.43
C LEU F 291 -19.87 9.80 22.70
N ASN F 292 -19.02 9.36 23.62
CA ASN F 292 -19.49 8.65 24.81
C ASN F 292 -20.14 9.61 25.79
N LYS F 293 -20.57 9.06 26.93
CA LYS F 293 -21.16 9.84 28.02
C LYS F 293 -22.37 10.64 27.55
N GLN F 294 -23.26 9.98 26.81
CA GLN F 294 -24.43 10.68 26.28
C GLN F 294 -25.45 10.97 27.38
N ASP F 295 -25.69 10.01 28.27
CA ASP F 295 -26.65 10.23 29.35
C ASP F 295 -26.18 11.32 30.30
N LEU F 296 -24.88 11.35 30.60
CA LEU F 296 -24.35 12.41 31.45
C LEU F 296 -24.51 13.77 30.79
N LEU F 297 -24.24 13.85 29.48
CA LEU F 297 -24.46 15.11 28.78
C LEU F 297 -25.93 15.51 28.81
N ALA F 298 -26.83 14.54 28.63
CA ALA F 298 -28.25 14.85 28.65
C ALA F 298 -28.67 15.42 30.00
N GLU F 299 -28.25 14.78 31.09
CA GLU F 299 -28.65 15.27 32.40
C GLU F 299 -27.98 16.60 32.72
N LYS F 300 -26.75 16.82 32.25
CA LYS F 300 -26.10 18.11 32.46
C LYS F 300 -26.83 19.23 31.72
N VAL F 301 -27.26 18.96 30.49
CA VAL F 301 -27.97 19.99 29.72
C VAL F 301 -29.35 20.25 30.32
N LEU F 302 -30.05 19.20 30.76
CA LEU F 302 -31.33 19.42 31.43
C LEU F 302 -31.15 20.21 32.72
N ALA F 303 -30.06 19.97 33.46
CA ALA F 303 -29.79 20.76 34.65
C ALA F 303 -29.57 22.23 34.30
N GLY F 304 -28.82 22.49 33.24
CA GLY F 304 -28.58 23.84 32.78
C GLY F 304 -27.54 24.62 33.55
N LYS F 305 -26.91 24.00 34.56
CA LYS F 305 -25.89 24.71 35.34
C LYS F 305 -24.68 25.05 34.48
N SER F 306 -24.23 24.11 33.66
CA SER F 306 -23.07 24.30 32.79
C SER F 306 -23.53 24.46 31.35
N LYS F 307 -23.04 25.49 30.69
CA LYS F 307 -23.41 25.79 29.31
C LYS F 307 -22.34 25.31 28.35
N ILE F 308 -22.71 25.26 27.07
CA ILE F 308 -21.76 25.02 25.99
C ILE F 308 -21.44 26.29 25.22
N GLU F 309 -22.31 27.30 25.26
CA GLU F 309 -22.05 28.56 24.56
C GLU F 309 -20.82 29.26 25.11
N ASP F 310 -20.64 29.22 26.44
CA ASP F 310 -19.48 29.88 27.04
C ASP F 310 -18.17 29.26 26.56
N TYR F 311 -18.13 27.93 26.46
CA TYR F 311 -16.92 27.28 25.93
C TYR F 311 -16.83 27.44 24.43
N PHE F 312 -17.94 27.27 23.72
CA PHE F 312 -17.99 27.40 22.26
C PHE F 312 -18.94 28.52 21.88
N PRO F 313 -18.43 29.70 21.52
CA PRO F 313 -19.33 30.80 21.16
C PRO F 313 -20.16 30.54 19.92
N GLU F 314 -19.78 29.58 19.08
CA GLU F 314 -20.54 29.28 17.88
C GLU F 314 -21.85 28.55 18.19
N PHE F 315 -22.02 28.04 19.41
CA PHE F 315 -23.20 27.26 19.74
C PHE F 315 -24.46 28.12 19.78
N ALA F 316 -24.34 29.42 19.99
CA ALA F 316 -25.51 30.30 20.01
C ALA F 316 -26.19 30.33 18.65
N ARG F 317 -25.39 30.37 17.57
CA ARG F 317 -25.91 30.51 16.21
C ARG F 317 -25.99 29.18 15.47
N TYR F 318 -26.27 28.09 16.19
CA TYR F 318 -26.35 26.76 15.61
C TYR F 318 -27.73 26.18 15.84
N THR F 319 -28.26 25.53 14.80
CA THR F 319 -29.57 24.89 14.86
C THR F 319 -29.43 23.42 14.51
N THR F 320 -30.37 22.62 15.01
CA THR F 320 -30.33 21.19 14.77
C THR F 320 -30.46 20.91 13.28
N PRO F 321 -29.62 20.05 12.70
CA PRO F 321 -29.74 19.76 11.28
C PRO F 321 -31.08 19.14 10.94
N GLU F 322 -31.59 19.46 9.74
CA GLU F 322 -32.88 18.94 9.32
C GLU F 322 -32.85 17.43 9.10
N ASP F 323 -31.68 16.85 8.83
CA ASP F 323 -31.55 15.42 8.64
C ASP F 323 -31.28 14.66 9.93
N ALA F 324 -31.27 15.35 11.07
CA ALA F 324 -31.09 14.69 12.35
C ALA F 324 -32.28 13.76 12.65
N THR F 325 -31.97 12.65 13.31
CA THR F 325 -32.98 11.65 13.67
C THR F 325 -32.88 11.38 15.16
N PRO F 326 -33.37 12.30 15.99
CA PRO F 326 -33.35 12.07 17.43
C PRO F 326 -34.29 10.94 17.83
N GLU F 327 -33.91 10.24 18.89
CA GLU F 327 -34.76 9.18 19.42
C GLU F 327 -36.01 9.79 20.07
N PRO F 328 -37.12 9.07 20.06
CA PRO F 328 -38.35 9.60 20.66
C PRO F 328 -38.20 9.83 22.15
N GLY F 329 -38.92 10.83 22.65
CA GLY F 329 -38.83 11.18 24.06
C GLY F 329 -37.62 11.98 24.44
N GLU F 330 -36.93 12.58 23.47
CA GLU F 330 -35.73 13.36 23.72
C GLU F 330 -36.00 14.82 23.39
N ASP F 331 -35.74 15.70 24.35
CA ASP F 331 -35.97 17.12 24.14
C ASP F 331 -34.93 17.68 23.17
N PRO F 332 -35.28 18.72 22.41
CA PRO F 332 -34.32 19.28 21.44
C PRO F 332 -33.09 19.88 22.08
N ARG F 333 -33.13 20.21 23.37
CA ARG F 333 -32.00 20.87 24.01
C ARG F 333 -30.74 20.01 23.96
N VAL F 334 -30.88 18.73 24.24
CA VAL F 334 -29.70 17.85 24.21
C VAL F 334 -29.40 17.40 22.79
N THR F 335 -30.43 17.26 21.95
CA THR F 335 -30.20 16.85 20.57
C THR F 335 -29.36 17.89 19.84
N ARG F 336 -29.68 19.18 20.03
CA ARG F 336 -28.91 20.24 19.38
C ARG F 336 -27.46 20.24 19.85
N ALA F 337 -27.25 20.05 21.16
CA ALA F 337 -25.89 20.06 21.69
C ALA F 337 -25.07 18.89 21.17
N LYS F 338 -25.62 17.68 21.20
CA LYS F 338 -24.86 16.52 20.76
C LYS F 338 -24.61 16.58 19.25
N TYR F 339 -25.58 17.06 18.48
CA TYR F 339 -25.34 17.22 17.05
C TYR F 339 -24.34 18.34 16.77
N PHE F 340 -24.30 19.36 17.64
CA PHE F 340 -23.28 20.39 17.49
C PHE F 340 -21.89 19.83 17.69
N ILE F 341 -21.72 18.98 18.71
CA ILE F 341 -20.42 18.37 18.93
C ILE F 341 -20.04 17.45 17.78
N ARG F 342 -21.01 16.66 17.29
CA ARG F 342 -20.74 15.80 16.14
C ARG F 342 -20.34 16.62 14.92
N ASP F 343 -21.01 17.74 14.69
CA ASP F 343 -20.66 18.61 13.57
C ASP F 343 -19.29 19.25 13.78
N GLU F 344 -18.92 19.56 15.02
CA GLU F 344 -17.60 20.09 15.29
C GLU F 344 -16.52 19.08 14.91
N PHE F 345 -16.74 17.80 15.22
CA PHE F 345 -15.78 16.79 14.82
C PHE F 345 -15.78 16.58 13.30
N LEU F 346 -16.97 16.56 12.68
CA LEU F 346 -17.04 16.36 11.24
C LEU F 346 -16.46 17.54 10.46
N ARG F 347 -16.42 18.73 11.07
CA ARG F 347 -15.79 19.87 10.41
C ARG F 347 -14.30 19.62 10.20
N ILE F 348 -13.63 19.06 11.21
CA ILE F 348 -12.24 18.66 11.04
C ILE F 348 -12.15 17.47 10.10
N SER F 349 -13.10 16.54 10.21
CA SER F 349 -13.05 15.32 9.41
C SER F 349 -13.10 15.61 7.91
N THR F 350 -13.98 16.52 7.49
CA THR F 350 -14.22 16.79 6.08
C THR F 350 -13.30 17.87 5.52
N ALA F 351 -12.46 18.49 6.34
CA ALA F 351 -11.55 19.51 5.83
C ALA F 351 -10.53 18.91 4.87
N SER F 352 -10.03 17.71 5.17
CA SER F 352 -9.06 17.03 4.33
C SER F 352 -9.44 15.55 4.27
N GLY F 353 -8.50 14.73 3.76
CA GLY F 353 -8.76 13.32 3.62
C GLY F 353 -9.86 13.02 2.64
N ASP F 354 -9.81 13.66 1.47
CA ASP F 354 -10.85 13.53 0.45
C ASP F 354 -10.72 12.17 -0.24
N GLY F 355 -11.37 11.16 0.35
CA GLY F 355 -11.44 9.84 -0.20
C GLY F 355 -10.41 8.88 0.33
N ARG F 356 -9.31 9.39 0.89
CA ARG F 356 -8.29 8.52 1.45
C ARG F 356 -8.82 7.76 2.67
N HIS F 357 -9.55 8.45 3.53
CA HIS F 357 -10.05 7.86 4.77
C HIS F 357 -11.25 8.66 5.24
N TYR F 358 -12.07 8.03 6.08
CA TYR F 358 -13.36 8.57 6.47
C TYR F 358 -13.57 8.42 7.97
N CYS F 359 -14.49 9.23 8.50
CA CYS F 359 -14.86 9.20 9.91
C CYS F 359 -16.30 8.73 10.06
N TYR F 360 -16.57 7.97 11.11
CA TYR F 360 -17.89 7.40 11.36
C TYR F 360 -18.34 7.76 12.77
N PRO F 361 -19.00 8.90 12.93
CA PRO F 361 -19.44 9.30 14.28
C PRO F 361 -20.61 8.46 14.74
N HIS F 362 -20.59 8.10 16.03
CA HIS F 362 -21.65 7.33 16.65
C HIS F 362 -21.92 7.88 18.04
N PHE F 363 -23.19 7.99 18.39
CA PHE F 363 -23.61 8.45 19.72
C PHE F 363 -23.77 7.22 20.61
N THR F 364 -22.70 6.84 21.28
CA THR F 364 -22.67 5.62 22.08
C THR F 364 -22.72 5.95 23.56
N CYS F 365 -23.58 5.26 24.29
CA CYS F 365 -23.56 5.34 25.74
C CYS F 365 -22.48 4.42 26.30
N SER F 366 -22.17 4.61 27.59
CA SER F 366 -21.13 3.81 28.22
C SER F 366 -21.50 2.34 28.27
N VAL F 367 -22.77 2.03 28.57
CA VAL F 367 -23.22 0.66 28.74
C VAL F 367 -23.96 0.14 27.50
N ASP F 368 -23.75 0.76 26.34
CA ASP F 368 -24.38 0.28 25.12
C ASP F 368 -23.83 -1.09 24.73
N THR F 369 -24.72 -1.99 24.37
CA THR F 369 -24.34 -3.31 23.90
C THR F 369 -24.16 -3.38 22.39
N GLU F 370 -24.47 -2.31 21.67
CA GLU F 370 -24.40 -2.29 20.23
C GLU F 370 -23.07 -1.77 19.70
N ASN F 371 -22.11 -1.46 20.57
CA ASN F 371 -20.83 -0.95 20.11
C ASN F 371 -20.10 -1.95 19.23
N ILE F 372 -20.19 -3.24 19.56
CA ILE F 372 -19.57 -4.26 18.72
C ILE F 372 -20.20 -4.26 17.33
N ARG F 373 -21.52 -4.13 17.26
CA ARG F 373 -22.19 -4.07 15.96
C ARG F 373 -21.76 -2.81 15.19
N ARG F 374 -21.63 -1.68 15.90
CA ARG F 374 -21.22 -0.45 15.23
C ARG F 374 -19.84 -0.59 14.63
N VAL F 375 -18.87 -1.10 15.40
CA VAL F 375 -17.52 -1.23 14.87
C VAL F 375 -17.47 -2.29 13.77
N PHE F 376 -18.28 -3.35 13.89
CA PHE F 376 -18.34 -4.37 12.84
C PHE F 376 -18.80 -3.75 11.52
N ASN F 377 -19.92 -3.01 11.55
CA ASN F 377 -20.44 -2.41 10.34
C ASN F 377 -19.49 -1.35 9.78
N ASP F 378 -18.85 -0.58 10.66
CA ASP F 378 -17.92 0.44 10.18
C ASP F 378 -16.69 -0.19 9.53
N CYS F 379 -16.19 -1.29 10.10
CA CYS F 379 -15.07 -1.99 9.47
C CYS F 379 -15.47 -2.56 8.11
N ARG F 380 -16.68 -3.11 8.02
CA ARG F 380 -17.17 -3.59 6.74
C ARG F 380 -17.21 -2.48 5.70
N ASP F 381 -17.73 -1.32 6.10
CA ASP F 381 -17.81 -0.18 5.18
C ASP F 381 -16.41 0.28 4.77
N ILE F 382 -15.47 0.31 5.72
CA ILE F 382 -14.11 0.74 5.41
C ILE F 382 -13.48 -0.19 4.40
N ILE F 383 -13.63 -1.50 4.60
CA ILE F 383 -13.04 -2.46 3.67
C ILE F 383 -13.68 -2.34 2.29
N GLN F 384 -15.01 -2.19 2.24
CA GLN F 384 -15.68 -2.03 0.96
C GLN F 384 -15.19 -0.79 0.23
N ARG F 385 -15.05 0.33 0.94
CA ARG F 385 -14.59 1.55 0.31
C ARG F 385 -13.14 1.43 -0.15
N MET F 386 -12.30 0.74 0.62
CA MET F 386 -10.93 0.51 0.17
C MET F 386 -10.90 -0.32 -1.11
N HIS F 387 -11.71 -1.37 -1.18
CA HIS F 387 -11.76 -2.18 -2.39
C HIS F 387 -12.25 -1.37 -3.58
N LEU F 388 -13.26 -0.53 -3.37
CA LEU F 388 -13.73 0.32 -4.47
C LEU F 388 -12.66 1.32 -4.90
N ARG F 389 -11.92 1.87 -3.93
CA ARG F 389 -10.87 2.83 -4.27
C ARG F 389 -9.76 2.16 -5.08
N GLN F 390 -9.43 0.92 -4.74
CA GLN F 390 -8.41 0.21 -5.50
C GLN F 390 -8.82 0.01 -6.95
N TYR F 391 -10.10 -0.17 -7.21
CA TYR F 391 -10.62 -0.34 -8.56
C TYR F 391 -10.93 0.99 -9.24
N GLU F 392 -10.69 2.11 -8.57
CA GLU F 392 -10.98 3.44 -9.08
C GLU F 392 -12.46 3.65 -9.34
N LEU F 393 -13.31 2.86 -8.68
CA LEU F 393 -14.76 2.99 -8.82
C LEU F 393 -15.36 4.04 -7.93
N LEU F 394 -14.59 4.59 -6.99
CA LEU F 394 -15.12 5.56 -6.04
C LEU F 394 -14.34 6.87 -6.09
#